data_4BFA
#
_entry.id   4BFA
#
_cell.length_a   68.540
_cell.length_b   99.953
_cell.length_c   119.896
_cell.angle_alpha   90.00
_cell.angle_beta   90.00
_cell.angle_gamma   90.00
#
_symmetry.space_group_name_H-M   'P 21 21 21'
#
loop_
_entity.id
_entity.type
_entity.pdbx_description
1 polymer 'TRNA-DIHYDROURIDINE SYNTHASE C'
2 non-polymer 'FLAVIN MONONUCLEOTIDE'
3 non-polymer 1,2-ETHANEDIOL
4 non-polymer 'NITRATE ION'
5 water water
#
_entity_poly.entity_id   1
_entity_poly.type   'polypeptide(L)'
_entity_poly.pdbx_seq_one_letter_code
;MGSSHHHHHHSSGLVPRGSHMASMRVLLAPMEGVLDSLVRELLTEVNDYDLCITEFVRVVDQLLPVKVFHRICPELQNAS
RTPSGTLVRVQLLGQFPQWLAENAARAVELGSWGVDLNCGCPSKTVNGSGGGATLLKDPELIYQGAKAMREAVPAHLPVS
VKVRLGWDSGEKKFEIADAVQQAGATELVVHGRTKEQGYRAEHIDWQAIGDIRQRLNIPVIANGEIWDWQSAQQCMAISG
CDAVMIGRGALNIPNLSRVVKYNEPRMPWPEVVALLQKYTRLEKQGDTGLYHVARIKQWLSYLRKEYDEATELFQHVRVL
NNSPDIARAIQAIDIEKL
;
_entity_poly.pdbx_strand_id   A,B
#
loop_
_chem_comp.id
_chem_comp.type
_chem_comp.name
_chem_comp.formula
EDO non-polymer 1,2-ETHANEDIOL 'C2 H6 O2'
FMN non-polymer 'FLAVIN MONONUCLEOTIDE' 'C17 H21 N4 O9 P'
NO3 non-polymer 'NITRATE ION' 'N O3 -1'
#
# COMPACT_ATOMS: atom_id res chain seq x y z
N ALA A 22 -26.92 -13.15 -6.13
CA ALA A 22 -26.69 -13.29 -7.60
C ALA A 22 -26.25 -11.97 -8.23
N SER A 23 -27.13 -10.97 -8.30
CA SER A 23 -26.79 -9.71 -8.99
C SER A 23 -25.61 -9.01 -8.29
N MET A 24 -24.76 -8.38 -9.09
CA MET A 24 -23.55 -7.69 -8.60
CA MET A 24 -23.59 -7.67 -8.58
C MET A 24 -23.37 -6.39 -9.38
N ARG A 25 -23.13 -5.29 -8.66
CA ARG A 25 -22.81 -4.01 -9.25
CA ARG A 25 -22.80 -4.04 -9.28
C ARG A 25 -21.33 -3.75 -9.05
N VAL A 26 -20.66 -3.25 -10.09
CA VAL A 26 -19.24 -2.89 -9.98
C VAL A 26 -19.05 -1.45 -10.48
N LEU A 27 -18.53 -0.59 -9.60
CA LEU A 27 -18.28 0.80 -9.94
C LEU A 27 -16.77 1.03 -10.16
N LEU A 28 -16.44 1.88 -11.13
CA LEU A 28 -15.08 2.37 -11.33
C LEU A 28 -14.89 3.60 -10.46
N ALA A 29 -13.89 3.53 -9.59
CA ALA A 29 -13.59 4.56 -8.61
C ALA A 29 -13.17 5.89 -9.23
N PRO A 30 -13.43 6.99 -8.51
CA PRO A 30 -12.81 8.26 -8.85
C PRO A 30 -11.31 8.18 -8.52
N MET A 31 -10.46 8.60 -9.46
CA MET A 31 -9.01 8.63 -9.24
C MET A 31 -8.42 9.87 -9.89
N GLU A 32 -8.27 10.91 -9.07
CA GLU A 32 -7.65 12.17 -9.48
C GLU A 32 -6.32 11.93 -10.16
N GLY A 33 -6.17 12.51 -11.35
CA GLY A 33 -4.92 12.41 -12.09
C GLY A 33 -4.63 11.05 -12.71
N VAL A 34 -5.62 10.15 -12.70
CA VAL A 34 -5.47 8.81 -13.28
C VAL A 34 -6.67 8.49 -14.18
N LEU A 35 -7.86 8.44 -13.60
CA LEU A 35 -9.05 8.03 -14.34
C LEU A 35 -9.81 9.23 -14.89
N ASP A 36 -9.17 9.88 -15.86
CA ASP A 36 -9.81 10.97 -16.61
C ASP A 36 -10.71 10.39 -17.72
N SER A 37 -11.30 11.25 -18.52
CA SER A 37 -12.25 10.82 -19.53
C SER A 37 -11.62 9.90 -20.58
N LEU A 38 -10.35 10.13 -20.90
CA LEU A 38 -9.62 9.27 -21.84
C LEU A 38 -9.53 7.82 -21.33
N VAL A 39 -9.03 7.64 -20.11
CA VAL A 39 -8.93 6.29 -19.56
C VAL A 39 -10.33 5.70 -19.32
N ARG A 40 -11.30 6.50 -18.87
CA ARG A 40 -12.69 6.00 -18.77
C ARG A 40 -13.20 5.48 -20.11
N GLU A 41 -12.91 6.21 -21.19
CA GLU A 41 -13.31 5.76 -22.54
C GLU A 41 -12.70 4.40 -22.85
N LEU A 42 -11.38 4.31 -22.68
CA LEU A 42 -10.63 3.08 -22.98
C LEU A 42 -11.13 1.91 -22.17
N LEU A 43 -11.27 2.10 -20.85
CA LEU A 43 -11.67 1.02 -19.97
C LEU A 43 -13.12 0.60 -20.17
N THR A 44 -14.04 1.56 -20.27
CA THR A 44 -15.46 1.17 -20.35
C THR A 44 -15.77 0.35 -21.62
N GLU A 45 -15.04 0.61 -22.70
CA GLU A 45 -15.20 -0.13 -23.96
C GLU A 45 -14.97 -1.63 -23.76
N VAL A 46 -14.10 -2.00 -22.82
CA VAL A 46 -13.73 -3.41 -22.62
C VAL A 46 -14.18 -3.97 -21.26
N ASN A 47 -15.15 -3.30 -20.64
CA ASN A 47 -15.63 -3.66 -19.32
C ASN A 47 -17.14 -3.55 -19.23
N ASP A 48 -17.68 -4.08 -18.13
CA ASP A 48 -19.07 -3.93 -17.77
C ASP A 48 -19.12 -3.23 -16.41
N TYR A 49 -18.61 -1.99 -16.34
CA TYR A 49 -18.81 -1.14 -15.15
C TYR A 49 -20.22 -0.60 -15.17
N ASP A 50 -20.85 -0.57 -14.00
CA ASP A 50 -22.19 -0.02 -13.88
CA ASP A 50 -22.20 -0.03 -13.85
C ASP A 50 -22.22 1.50 -13.81
N LEU A 51 -21.11 2.09 -13.35
CA LEU A 51 -20.99 3.53 -13.14
C LEU A 51 -19.53 3.84 -12.92
N CYS A 52 -19.10 4.98 -13.47
CA CYS A 52 -17.80 5.56 -13.17
C CYS A 52 -18.00 6.87 -12.45
N ILE A 53 -17.08 7.19 -11.55
CA ILE A 53 -17.07 8.49 -10.86
C ILE A 53 -15.94 9.35 -11.43
N THR A 54 -16.25 10.60 -11.72
CA THR A 54 -15.23 11.52 -12.24
C THR A 54 -14.18 11.85 -11.18
N GLU A 55 -13.08 12.41 -11.65
CA GLU A 55 -12.17 13.12 -10.76
C GLU A 55 -12.94 14.26 -10.07
N PHE A 56 -12.53 14.65 -8.87
CA PHE A 56 -13.30 15.65 -8.13
C PHE A 56 -13.19 17.05 -8.74
N VAL A 57 -14.30 17.77 -8.62
CA VAL A 57 -14.37 19.19 -8.82
C VAL A 57 -14.17 19.80 -7.44
N ARG A 58 -13.11 20.58 -7.26
CA ARG A 58 -12.86 21.23 -5.97
C ARG A 58 -13.79 22.46 -5.80
N VAL A 59 -14.65 22.38 -4.80
CA VAL A 59 -15.59 23.44 -4.46
C VAL A 59 -15.10 24.16 -3.21
N VAL A 60 -15.00 25.50 -3.30
CA VAL A 60 -14.61 26.31 -2.16
C VAL A 60 -15.78 27.22 -1.77
N ASP A 61 -15.83 28.43 -2.32
CA ASP A 61 -16.90 29.37 -1.99
C ASP A 61 -17.45 30.07 -3.23
N GLN A 62 -17.35 29.42 -4.39
CA GLN A 62 -17.92 29.98 -5.61
C GLN A 62 -18.65 28.93 -6.44
N LEU A 63 -19.59 29.39 -7.24
CA LEU A 63 -20.15 28.56 -8.28
C LEU A 63 -19.09 28.49 -9.39
N LEU A 64 -18.71 27.27 -9.75
CA LEU A 64 -17.71 27.09 -10.77
C LEU A 64 -18.34 27.24 -12.15
N PRO A 65 -17.58 27.79 -13.10
CA PRO A 65 -18.13 27.95 -14.44
C PRO A 65 -18.36 26.61 -15.10
N VAL A 66 -19.27 26.61 -16.07
CA VAL A 66 -19.66 25.41 -16.77
C VAL A 66 -18.46 24.67 -17.37
N LYS A 67 -17.47 25.38 -17.87
CA LYS A 67 -16.32 24.71 -18.50
C LYS A 67 -15.52 23.78 -17.56
N VAL A 68 -15.56 24.05 -16.25
CA VAL A 68 -14.85 23.20 -15.30
C VAL A 68 -15.51 21.81 -15.29
N PHE A 69 -16.83 21.79 -15.34
CA PHE A 69 -17.59 20.53 -15.36
C PHE A 69 -17.36 19.77 -16.67
N HIS A 70 -17.32 20.51 -17.78
CA HIS A 70 -17.07 19.88 -19.07
C HIS A 70 -15.67 19.33 -19.20
N ARG A 71 -14.71 19.98 -18.54
CA ARG A 71 -13.33 19.53 -18.54
C ARG A 71 -13.22 18.24 -17.76
N ILE A 72 -13.78 18.23 -16.57
CA ILE A 72 -13.73 17.06 -15.71
C ILE A 72 -14.61 15.93 -16.27
N CYS A 73 -15.74 16.30 -16.87
CA CYS A 73 -16.71 15.32 -17.35
C CYS A 73 -17.19 15.66 -18.77
N PRO A 74 -16.36 15.35 -19.78
CA PRO A 74 -16.81 15.51 -21.18
C PRO A 74 -18.05 14.67 -21.52
N GLU A 75 -18.29 13.64 -20.73
CA GLU A 75 -19.47 12.78 -20.90
C GLU A 75 -20.80 13.51 -20.69
N LEU A 76 -20.78 14.68 -20.02
CA LEU A 76 -22.01 15.46 -19.84
C LEU A 76 -22.66 15.78 -21.18
N GLN A 77 -21.84 15.99 -22.21
CA GLN A 77 -22.35 16.29 -23.55
C GLN A 77 -22.77 15.04 -24.32
N ASN A 78 -22.64 13.87 -23.70
CA ASN A 78 -23.14 12.60 -24.24
C ASN A 78 -24.11 11.94 -23.24
N ALA A 79 -25.03 12.73 -22.69
CA ALA A 79 -26.04 12.23 -21.75
C ALA A 79 -25.42 11.47 -20.55
N SER A 80 -24.28 11.97 -20.08
CA SER A 80 -23.57 11.44 -18.90
C SER A 80 -23.02 10.03 -19.09
N ARG A 81 -22.68 9.69 -20.33
CA ARG A 81 -22.12 8.39 -20.62
C ARG A 81 -20.82 8.48 -21.41
N THR A 82 -19.97 7.49 -21.22
CA THR A 82 -18.77 7.32 -22.03
C THR A 82 -19.21 6.96 -23.46
N PRO A 83 -18.28 7.02 -24.42
CA PRO A 83 -18.70 6.72 -25.78
C PRO A 83 -19.31 5.32 -25.96
N SER A 84 -18.86 4.35 -25.15
CA SER A 84 -19.42 2.99 -25.21
C SER A 84 -20.71 2.81 -24.44
N GLY A 85 -21.11 3.83 -23.66
CA GLY A 85 -22.42 3.84 -23.02
C GLY A 85 -22.49 3.71 -21.51
N THR A 86 -21.34 3.70 -20.83
CA THR A 86 -21.33 3.54 -19.38
C THR A 86 -21.57 4.89 -18.69
N LEU A 87 -22.47 4.89 -17.71
CA LEU A 87 -22.80 6.10 -16.97
C LEU A 87 -21.61 6.62 -16.17
N VAL A 88 -21.52 7.95 -16.07
CA VAL A 88 -20.50 8.64 -15.31
C VAL A 88 -21.23 9.67 -14.43
N ARG A 89 -20.68 9.90 -13.24
CA ARG A 89 -21.25 10.81 -12.26
C ARG A 89 -20.16 11.75 -11.76
N VAL A 90 -20.46 13.05 -11.80
CA VAL A 90 -19.55 14.08 -11.33
C VAL A 90 -19.39 13.99 -9.80
N GLN A 91 -18.13 14.05 -9.35
CA GLN A 91 -17.84 14.15 -7.91
C GLN A 91 -17.44 15.57 -7.52
N LEU A 92 -17.96 16.04 -6.39
CA LEU A 92 -17.52 17.29 -5.76
C LEU A 92 -16.67 17.01 -4.53
N LEU A 93 -15.68 17.87 -4.30
CA LEU A 93 -14.90 17.87 -3.06
C LEU A 93 -14.95 19.26 -2.43
N GLY A 94 -15.39 19.32 -1.19
CA GLY A 94 -15.46 20.58 -0.46
C GLY A 94 -16.30 20.47 0.78
N GLN A 95 -16.50 21.61 1.45
CA GLN A 95 -17.12 21.62 2.77
C GLN A 95 -18.38 22.48 2.86
N PHE A 96 -18.35 23.68 2.30
CA PHE A 96 -19.41 24.66 2.56
C PHE A 96 -20.72 24.25 1.87
N PRO A 97 -21.80 24.00 2.65
CA PRO A 97 -23.04 23.46 2.08
C PRO A 97 -23.63 24.29 0.94
N GLN A 98 -23.68 25.61 1.12
CA GLN A 98 -24.27 26.48 0.09
C GLN A 98 -23.57 26.28 -1.27
N TRP A 99 -22.26 26.15 -1.25
CA TRP A 99 -21.49 26.05 -2.49
C TRP A 99 -21.46 24.64 -3.07
N LEU A 100 -21.52 23.62 -2.22
CA LEU A 100 -21.70 22.24 -2.70
C LEU A 100 -23.07 22.12 -3.40
N ALA A 101 -24.08 22.76 -2.80
CA ALA A 101 -25.41 22.78 -3.38
C ALA A 101 -25.44 23.47 -4.73
N GLU A 102 -24.88 24.67 -4.84
CA GLU A 102 -24.89 25.39 -6.13
C GLU A 102 -24.18 24.57 -7.21
N ASN A 103 -23.03 24.01 -6.86
CA ASN A 103 -22.26 23.24 -7.82
C ASN A 103 -22.88 21.89 -8.16
N ALA A 104 -23.54 21.28 -7.18
CA ALA A 104 -24.33 20.06 -7.45
C ALA A 104 -25.45 20.33 -8.44
N ALA A 105 -26.18 21.43 -8.23
CA ALA A 105 -27.25 21.82 -9.13
C ALA A 105 -26.71 22.01 -10.55
N ARG A 106 -25.56 22.68 -10.65
CA ARG A 106 -24.95 22.90 -11.96
C ARG A 106 -24.56 21.58 -12.63
N ALA A 107 -23.91 20.69 -11.89
CA ALA A 107 -23.54 19.39 -12.45
C ALA A 107 -24.75 18.68 -13.05
N VAL A 108 -25.88 18.66 -12.35
CA VAL A 108 -27.05 17.96 -12.88
C VAL A 108 -27.74 18.76 -14.00
N GLU A 109 -27.73 20.10 -13.93
CA GLU A 109 -28.28 20.92 -15.02
C GLU A 109 -27.56 20.62 -16.34
N LEU A 110 -26.25 20.34 -16.22
CA LEU A 110 -25.40 20.03 -17.37
C LEU A 110 -25.50 18.56 -17.81
N GLY A 111 -26.20 17.72 -17.05
CA GLY A 111 -26.53 16.38 -17.50
C GLY A 111 -26.01 15.23 -16.65
N SER A 112 -25.27 15.53 -15.59
CA SER A 112 -24.67 14.48 -14.75
C SER A 112 -25.76 13.57 -14.18
N TRP A 113 -25.55 12.27 -14.24
CA TRP A 113 -26.47 11.33 -13.61
C TRP A 113 -26.26 11.30 -12.09
N GLY A 114 -26.90 12.26 -11.43
CA GLY A 114 -26.66 12.50 -10.01
C GLY A 114 -25.31 13.14 -9.75
N VAL A 115 -24.93 13.17 -8.48
CA VAL A 115 -23.69 13.80 -8.05
CA VAL A 115 -23.70 13.83 -8.03
C VAL A 115 -23.16 13.07 -6.82
N ASP A 116 -21.84 13.02 -6.71
CA ASP A 116 -21.13 12.34 -5.65
C ASP A 116 -20.36 13.34 -4.80
N LEU A 117 -20.19 13.03 -3.52
CA LEU A 117 -19.42 13.86 -2.59
C LEU A 117 -18.24 13.08 -1.99
N ASN A 118 -17.05 13.66 -2.14
CA ASN A 118 -15.79 13.08 -1.62
C ASN A 118 -15.62 13.38 -0.15
N CYS A 119 -15.58 12.32 0.66
CA CYS A 119 -15.25 12.41 2.10
C CYS A 119 -14.17 11.41 2.54
N GLY A 120 -13.35 10.95 1.58
CA GLY A 120 -12.29 9.98 1.85
C GLY A 120 -10.86 10.33 1.43
N CYS A 121 -10.66 11.27 0.50
CA CYS A 121 -9.32 11.67 0.03
CA CYS A 121 -9.30 11.57 0.05
C CYS A 121 -8.64 12.60 0.99
N PRO A 122 -7.37 12.31 1.38
CA PRO A 122 -6.66 13.37 2.10
C PRO A 122 -6.59 14.64 1.23
N SER A 123 -7.00 15.79 1.77
CA SER A 123 -7.11 17.03 0.98
C SER A 123 -6.65 18.26 1.75
N LYS A 124 -6.03 19.20 1.02
CA LYS A 124 -5.61 20.47 1.59
C LYS A 124 -6.81 21.38 1.82
N THR A 125 -6.87 21.98 3.00
CA THR A 125 -7.84 23.03 3.32
C THR A 125 -7.40 24.30 2.56
N VAL A 126 -8.35 25.00 1.95
CA VAL A 126 -8.02 26.16 1.10
C VAL A 126 -7.85 27.43 1.94
N ASN A 127 -8.94 27.92 2.53
CA ASN A 127 -8.89 29.01 3.49
C ASN A 127 -9.45 28.53 4.83
N GLY A 128 -10.76 28.38 4.92
CA GLY A 128 -11.38 27.62 6.01
C GLY A 128 -12.13 26.43 5.43
N SER A 129 -12.00 26.23 4.12
CA SER A 129 -12.78 25.22 3.39
C SER A 129 -12.02 23.91 3.29
N GLY A 130 -12.36 22.99 4.20
CA GLY A 130 -11.77 21.66 4.17
C GLY A 130 -12.41 20.83 3.07
N GLY A 131 -12.11 19.55 3.08
CA GLY A 131 -12.72 18.65 2.13
C GLY A 131 -12.14 17.28 2.27
N GLY A 132 -12.80 16.30 1.68
CA GLY A 132 -12.31 14.93 1.65
C GLY A 132 -12.26 14.32 3.03
N ALA A 133 -11.14 13.67 3.34
CA ALA A 133 -10.98 12.97 4.62
C ALA A 133 -11.08 13.92 5.83
N THR A 134 -10.82 15.21 5.62
CA THR A 134 -10.89 16.15 6.76
C THR A 134 -12.28 16.17 7.37
N LEU A 135 -13.30 15.99 6.54
CA LEU A 135 -14.68 16.02 7.00
C LEU A 135 -14.99 14.84 7.93
N LEU A 136 -14.20 13.77 7.87
CA LEU A 136 -14.40 12.63 8.75
C LEU A 136 -14.16 12.97 10.23
N LYS A 137 -13.43 14.08 10.47
CA LYS A 137 -13.14 14.54 11.85
C LYS A 137 -14.33 15.14 12.54
N ASP A 138 -15.25 15.70 11.75
CA ASP A 138 -16.56 16.07 12.26
C ASP A 138 -17.61 15.56 11.30
N PRO A 139 -18.21 14.41 11.63
CA PRO A 139 -19.26 13.85 10.75
C PRO A 139 -20.42 14.80 10.41
N GLU A 140 -20.68 15.78 11.27
CA GLU A 140 -21.72 16.75 10.95
C GLU A 140 -21.45 17.52 9.66
N LEU A 141 -20.17 17.72 9.34
CA LEU A 141 -19.80 18.38 8.09
C LEU A 141 -20.24 17.56 6.86
N ILE A 142 -20.16 16.24 7.00
CA ILE A 142 -20.62 15.33 5.94
C ILE A 142 -22.15 15.45 5.83
N TYR A 143 -22.84 15.43 6.97
CA TYR A 143 -24.31 15.58 6.98
C TYR A 143 -24.74 16.88 6.29
N GLN A 144 -24.14 18.00 6.68
CA GLN A 144 -24.55 19.31 6.13
C GLN A 144 -24.29 19.44 4.63
N GLY A 145 -23.11 18.98 4.19
CA GLY A 145 -22.75 19.05 2.78
C GLY A 145 -23.65 18.15 1.94
N ALA A 146 -23.80 16.90 2.37
CA ALA A 146 -24.64 15.93 1.64
C ALA A 146 -26.13 16.36 1.59
N LYS A 147 -26.62 16.93 2.69
CA LYS A 147 -28.02 17.36 2.80
C LYS A 147 -28.27 18.51 1.82
N ALA A 148 -27.35 19.48 1.80
CA ALA A 148 -27.47 20.61 0.86
C ALA A 148 -27.44 20.14 -0.59
N MET A 149 -26.60 19.15 -0.89
CA MET A 149 -26.58 18.57 -2.24
C MET A 149 -27.90 17.85 -2.56
N ARG A 150 -28.41 17.04 -1.63
CA ARG A 150 -29.65 16.30 -1.83
C ARG A 150 -30.80 17.25 -2.10
N GLU A 151 -30.81 18.38 -1.38
CA GLU A 151 -31.87 19.37 -1.52
C GLU A 151 -31.82 20.13 -2.86
N ALA A 152 -30.61 20.26 -3.43
CA ALA A 152 -30.35 20.98 -4.67
C ALA A 152 -30.53 20.15 -5.94
N VAL A 153 -30.50 18.82 -5.80
CA VAL A 153 -30.54 17.90 -6.93
C VAL A 153 -31.96 17.33 -7.02
N PRO A 154 -32.55 17.34 -8.24
CA PRO A 154 -33.90 16.80 -8.38
C PRO A 154 -34.03 15.40 -7.76
N ALA A 155 -35.13 15.17 -7.05
CA ALA A 155 -35.29 14.03 -6.17
C ALA A 155 -35.13 12.64 -6.83
N HIS A 156 -35.42 12.56 -8.14
CA HIS A 156 -35.29 11.30 -8.88
C HIS A 156 -33.84 10.94 -9.22
N LEU A 157 -32.90 11.89 -9.07
CA LEU A 157 -31.49 11.63 -9.40
C LEU A 157 -30.72 11.32 -8.13
N PRO A 158 -29.74 10.43 -8.24
CA PRO A 158 -29.01 9.99 -7.05
C PRO A 158 -28.00 11.00 -6.51
N VAL A 159 -27.83 11.01 -5.20
CA VAL A 159 -26.73 11.71 -4.52
C VAL A 159 -25.99 10.68 -3.67
N SER A 160 -24.73 10.48 -3.99
CA SER A 160 -23.89 9.50 -3.31
C SER A 160 -22.80 10.20 -2.54
N VAL A 161 -22.28 9.48 -1.55
CA VAL A 161 -21.17 9.99 -0.74
C VAL A 161 -20.15 8.85 -0.59
N LYS A 162 -18.87 9.21 -0.64
CA LYS A 162 -17.78 8.29 -0.49
C LYS A 162 -17.00 8.66 0.77
N VAL A 163 -16.82 7.68 1.65
CA VAL A 163 -16.17 7.89 2.94
C VAL A 163 -15.10 6.84 3.23
N ARG A 164 -14.23 7.17 4.20
CA ARG A 164 -13.41 6.20 4.89
C ARG A 164 -14.06 5.91 6.27
N LEU A 165 -13.49 4.96 7.00
CA LEU A 165 -14.01 4.55 8.30
C LEU A 165 -13.79 5.59 9.39
N GLY A 166 -12.91 6.55 9.13
CA GLY A 166 -12.61 7.59 10.11
C GLY A 166 -11.28 8.24 9.79
N TRP A 167 -10.84 9.11 10.69
CA TRP A 167 -9.59 9.82 10.50
C TRP A 167 -8.38 9.03 11.07
N ASP A 168 -8.26 8.99 12.40
CA ASP A 168 -7.18 8.26 13.07
C ASP A 168 -7.68 7.03 13.82
N SER A 169 -8.97 6.73 13.68
CA SER A 169 -9.56 5.49 14.17
C SER A 169 -10.89 5.24 13.47
N GLY A 170 -11.44 4.06 13.67
CA GLY A 170 -12.78 3.76 13.18
C GLY A 170 -13.89 4.02 14.18
N GLU A 171 -13.58 4.70 15.28
CA GLU A 171 -14.54 4.90 16.36
C GLU A 171 -15.81 5.65 15.93
N LYS A 172 -15.67 6.53 14.94
CA LYS A 172 -16.80 7.33 14.46
C LYS A 172 -17.42 6.76 13.19
N LYS A 173 -17.08 5.51 12.84
CA LYS A 173 -17.54 4.99 11.55
C LYS A 173 -19.06 4.99 11.42
N PHE A 174 -19.79 4.71 12.51
CA PHE A 174 -21.25 4.72 12.46
C PHE A 174 -21.83 6.13 12.41
N GLU A 175 -21.18 7.10 13.06
CA GLU A 175 -21.57 8.51 12.96
C GLU A 175 -21.43 9.01 11.52
N ILE A 176 -20.35 8.60 10.86
CA ILE A 176 -20.08 8.96 9.48
C ILE A 176 -21.17 8.38 8.57
N ALA A 177 -21.42 7.09 8.70
CA ALA A 177 -22.50 6.44 7.94
C ALA A 177 -23.87 7.06 8.22
N ASP A 178 -24.17 7.33 9.50
CA ASP A 178 -25.46 7.93 9.90
C ASP A 178 -25.62 9.31 9.25
N ALA A 179 -24.54 10.09 9.21
CA ALA A 179 -24.58 11.43 8.63
C ALA A 179 -25.04 11.39 7.17
N VAL A 180 -24.50 10.43 6.43
CA VAL A 180 -24.85 10.26 5.03
C VAL A 180 -26.30 9.88 4.86
N GLN A 181 -26.75 8.89 5.60
CA GLN A 181 -28.14 8.48 5.50
C GLN A 181 -29.11 9.58 5.92
N GLN A 182 -28.82 10.22 7.06
CA GLN A 182 -29.72 11.22 7.61
C GLN A 182 -29.80 12.44 6.71
N ALA A 183 -28.75 12.68 5.93
CA ALA A 183 -28.75 13.75 4.93
C ALA A 183 -29.69 13.46 3.74
N GLY A 184 -30.14 12.23 3.59
CA GLY A 184 -31.01 11.85 2.49
C GLY A 184 -30.26 11.32 1.27
N ALA A 185 -28.97 11.02 1.45
CA ALA A 185 -28.18 10.45 0.35
C ALA A 185 -28.79 9.11 -0.13
N THR A 186 -28.52 8.81 -1.39
CA THR A 186 -29.04 7.62 -2.05
C THR A 186 -28.24 6.37 -1.76
N GLU A 187 -26.91 6.51 -1.70
CA GLU A 187 -26.01 5.37 -1.51
C GLU A 187 -24.70 5.87 -0.93
N LEU A 188 -23.99 4.92 -0.32
CA LEU A 188 -22.76 5.19 0.43
C LEU A 188 -21.67 4.25 -0.04
N VAL A 189 -20.53 4.82 -0.48
CA VAL A 189 -19.32 4.03 -0.75
C VAL A 189 -18.44 4.12 0.47
N VAL A 190 -18.04 2.95 0.96
CA VAL A 190 -17.12 2.93 2.09
C VAL A 190 -15.80 2.28 1.68
N HIS A 191 -14.74 3.10 1.71
CA HIS A 191 -13.36 2.59 1.68
C HIS A 191 -13.01 2.08 3.08
N GLY A 192 -12.83 0.76 3.20
CA GLY A 192 -12.68 0.09 4.49
C GLY A 192 -11.37 0.25 5.22
N ARG A 193 -10.91 1.50 5.34
CA ARG A 193 -9.67 1.87 6.08
C ARG A 193 -9.92 3.25 6.65
N THR A 194 -9.20 3.60 7.70
CA THR A 194 -9.19 4.97 8.18
C THR A 194 -8.26 5.80 7.29
N LYS A 195 -8.33 7.12 7.41
CA LYS A 195 -7.37 7.98 6.68
C LYS A 195 -5.92 7.63 7.02
N GLU A 196 -5.65 7.43 8.30
CA GLU A 196 -4.26 7.22 8.71
CA GLU A 196 -4.27 7.21 8.77
C GLU A 196 -3.74 5.85 8.28
N GLN A 197 -4.64 4.92 7.96
CA GLN A 197 -4.24 3.59 7.42
C GLN A 197 -3.93 3.64 5.92
N GLY A 198 -4.22 4.76 5.28
CA GLY A 198 -3.80 4.97 3.89
C GLY A 198 -4.26 3.87 2.95
N TYR A 199 -3.29 3.23 2.29
CA TYR A 199 -3.56 2.16 1.34
C TYR A 199 -2.89 0.86 1.79
N ARG A 200 -2.72 0.71 3.11
CA ARG A 200 -1.99 -0.44 3.65
C ARG A 200 -2.88 -1.67 3.58
N ALA A 201 -2.46 -2.66 2.80
CA ALA A 201 -3.27 -3.83 2.53
C ALA A 201 -3.77 -4.54 3.79
N GLU A 202 -2.87 -4.69 4.76
CA GLU A 202 -3.18 -5.46 5.96
C GLU A 202 -4.23 -4.80 6.87
N HIS A 203 -4.53 -3.53 6.63
CA HIS A 203 -5.56 -2.83 7.40
C HIS A 203 -6.98 -2.80 6.80
N ILE A 204 -7.16 -3.39 5.62
CA ILE A 204 -8.51 -3.43 5.04
C ILE A 204 -9.48 -4.15 5.98
N ASP A 205 -10.68 -3.58 6.11
CA ASP A 205 -11.68 -4.09 7.03
C ASP A 205 -13.06 -4.06 6.39
N TRP A 206 -13.32 -5.10 5.61
CA TRP A 206 -14.61 -5.27 4.97
C TRP A 206 -15.71 -5.62 5.98
N GLN A 207 -15.33 -6.18 7.12
CA GLN A 207 -16.30 -6.49 8.18
CA GLN A 207 -16.32 -6.50 8.14
C GLN A 207 -16.92 -5.21 8.70
N ALA A 208 -16.08 -4.19 8.90
CA ALA A 208 -16.55 -2.87 9.33
C ALA A 208 -17.58 -2.32 8.34
N ILE A 209 -17.34 -2.54 7.05
CA ILE A 209 -18.29 -2.14 6.00
C ILE A 209 -19.64 -2.88 6.20
N GLY A 210 -19.57 -4.18 6.48
CA GLY A 210 -20.78 -4.97 6.80
C GLY A 210 -21.53 -4.47 8.03
N ASP A 211 -20.78 -4.07 9.05
CA ASP A 211 -21.40 -3.55 10.30
C ASP A 211 -22.18 -2.26 10.00
N ILE A 212 -21.61 -1.43 9.14
CA ILE A 212 -22.25 -0.21 8.69
C ILE A 212 -23.51 -0.56 7.89
N ARG A 213 -23.38 -1.49 6.94
CA ARG A 213 -24.51 -1.87 6.10
C ARG A 213 -25.72 -2.33 6.96
N GLN A 214 -25.43 -3.14 7.99
CA GLN A 214 -26.50 -3.69 8.85
C GLN A 214 -27.31 -2.60 9.56
N ARG A 215 -26.66 -1.45 9.77
CA ARG A 215 -27.27 -0.33 10.48
C ARG A 215 -28.11 0.56 9.58
N LEU A 216 -27.87 0.50 8.26
CA LEU A 216 -28.40 1.49 7.33
C LEU A 216 -29.57 0.96 6.54
N ASN A 217 -30.19 1.87 5.79
CA ASN A 217 -31.28 1.54 4.88
C ASN A 217 -31.05 2.10 3.47
N ILE A 218 -29.80 2.35 3.15
CA ILE A 218 -29.38 2.73 1.81
C ILE A 218 -28.30 1.74 1.37
N PRO A 219 -28.16 1.50 0.05
CA PRO A 219 -27.07 0.62 -0.38
C PRO A 219 -25.69 1.10 0.05
N VAL A 220 -24.89 0.13 0.47
CA VAL A 220 -23.50 0.34 0.79
C VAL A 220 -22.67 -0.36 -0.27
N ILE A 221 -21.72 0.40 -0.83
CA ILE A 221 -20.82 -0.09 -1.84
C ILE A 221 -19.44 -0.27 -1.22
N ALA A 222 -18.95 -1.49 -1.18
CA ALA A 222 -17.68 -1.81 -0.52
C ALA A 222 -16.51 -1.43 -1.39
N ASN A 223 -15.48 -0.87 -0.77
CA ASN A 223 -14.30 -0.44 -1.51
C ASN A 223 -13.01 -0.71 -0.73
N GLY A 224 -12.00 -1.13 -1.47
CA GLY A 224 -10.64 -1.25 -0.96
C GLY A 224 -10.09 -2.64 -1.14
N GLU A 225 -8.95 -2.76 -1.82
CA GLU A 225 -8.21 -4.04 -1.93
C GLU A 225 -8.93 -5.12 -2.70
N ILE A 226 -9.80 -4.74 -3.63
CA ILE A 226 -10.38 -5.70 -4.56
C ILE A 226 -9.55 -5.73 -5.84
N TRP A 227 -8.91 -6.87 -6.09
CA TRP A 227 -7.89 -7.04 -7.14
C TRP A 227 -8.20 -8.10 -8.17
N ASP A 228 -9.14 -8.98 -7.86
CA ASP A 228 -9.42 -10.16 -8.68
C ASP A 228 -10.75 -10.79 -8.28
N TRP A 229 -11.10 -11.90 -8.93
CA TRP A 229 -12.41 -12.51 -8.68
C TRP A 229 -12.59 -12.94 -7.22
N GLN A 230 -11.61 -13.66 -6.68
CA GLN A 230 -11.70 -14.21 -5.34
C GLN A 230 -11.78 -13.13 -4.27
N SER A 231 -10.94 -12.10 -4.39
CA SER A 231 -10.99 -10.98 -3.42
C SER A 231 -12.35 -10.29 -3.42
N ALA A 232 -12.96 -10.12 -4.60
CA ALA A 232 -14.32 -9.56 -4.65
C ALA A 232 -15.35 -10.49 -3.97
N GLN A 233 -15.25 -11.79 -4.23
CA GLN A 233 -16.12 -12.79 -3.57
C GLN A 233 -16.01 -12.68 -2.03
N GLN A 234 -14.79 -12.61 -1.53
CA GLN A 234 -14.54 -12.51 -0.09
C GLN A 234 -15.12 -11.20 0.45
N CYS A 235 -14.90 -10.11 -0.27
CA CYS A 235 -15.41 -8.81 0.14
C CYS A 235 -16.93 -8.82 0.27
N MET A 236 -17.59 -9.33 -0.75
CA MET A 236 -19.06 -9.41 -0.74
C MET A 236 -19.59 -10.32 0.37
N ALA A 237 -18.94 -11.46 0.58
CA ALA A 237 -19.34 -12.42 1.60
C ALA A 237 -19.23 -11.82 2.99
N ILE A 238 -18.11 -11.15 3.25
CA ILE A 238 -17.81 -10.57 4.55
C ILE A 238 -18.68 -9.35 4.82
N SER A 239 -18.77 -8.45 3.85
CA SER A 239 -19.52 -7.19 4.04
C SER A 239 -21.04 -7.35 3.84
N GLY A 240 -21.43 -8.40 3.15
CA GLY A 240 -22.84 -8.55 2.74
C GLY A 240 -23.26 -7.57 1.65
N CYS A 241 -22.31 -6.84 1.07
CA CYS A 241 -22.57 -5.93 -0.03
C CYS A 241 -22.60 -6.66 -1.37
N ASP A 242 -23.62 -6.38 -2.16
CA ASP A 242 -23.72 -6.85 -3.55
C ASP A 242 -23.27 -5.79 -4.56
N ALA A 243 -22.54 -4.80 -4.07
CA ALA A 243 -21.98 -3.75 -4.90
C ALA A 243 -20.61 -3.41 -4.36
N VAL A 244 -19.66 -3.27 -5.30
CA VAL A 244 -18.28 -2.95 -4.98
C VAL A 244 -17.73 -1.86 -5.89
N MET A 245 -16.70 -1.17 -5.42
CA MET A 245 -16.01 -0.19 -6.20
C MET A 245 -14.53 -0.57 -6.26
N ILE A 246 -13.96 -0.46 -7.46
CA ILE A 246 -12.58 -0.82 -7.71
C ILE A 246 -11.84 0.39 -8.26
N GLY A 247 -10.71 0.73 -7.64
CA GLY A 247 -9.86 1.80 -8.11
C GLY A 247 -8.55 1.30 -8.70
N ARG A 248 -7.52 1.15 -7.87
CA ARG A 248 -6.17 0.83 -8.39
C ARG A 248 -6.15 -0.50 -9.18
N GLY A 249 -6.94 -1.47 -8.74
CA GLY A 249 -7.05 -2.76 -9.39
C GLY A 249 -7.52 -2.68 -10.83
N ALA A 250 -8.30 -1.64 -11.13
CA ALA A 250 -8.85 -1.42 -12.46
C ALA A 250 -7.79 -0.95 -13.46
N LEU A 251 -6.69 -0.37 -12.95
CA LEU A 251 -5.51 -0.04 -13.77
C LEU A 251 -4.57 -1.25 -13.87
N ASN A 252 -4.37 -1.96 -12.76
CA ASN A 252 -3.49 -3.14 -12.73
C ASN A 252 -3.96 -4.24 -13.66
N ILE A 253 -5.28 -4.47 -13.67
CA ILE A 253 -5.92 -5.46 -14.55
C ILE A 253 -6.99 -4.73 -15.35
N PRO A 254 -6.70 -4.41 -16.64
CA PRO A 254 -7.63 -3.48 -17.33
C PRO A 254 -9.07 -3.96 -17.61
N ASN A 255 -9.31 -5.27 -17.57
CA ASN A 255 -10.68 -5.82 -17.67
C ASN A 255 -11.21 -6.27 -16.31
N LEU A 256 -10.81 -5.62 -15.23
CA LEU A 256 -11.15 -6.14 -13.90
C LEU A 256 -12.65 -6.29 -13.63
N SER A 257 -13.50 -5.44 -14.23
CA SER A 257 -14.93 -5.59 -14.00
C SER A 257 -15.44 -6.94 -14.45
N ARG A 258 -14.89 -7.45 -15.55
CA ARG A 258 -15.34 -8.73 -16.12
C ARG A 258 -14.68 -9.91 -15.38
N VAL A 259 -13.46 -9.70 -14.90
CA VAL A 259 -12.82 -10.65 -13.99
C VAL A 259 -13.72 -10.84 -12.76
N VAL A 260 -14.17 -9.74 -12.17
CA VAL A 260 -14.96 -9.78 -10.94
C VAL A 260 -16.38 -10.30 -11.15
N LYS A 261 -17.03 -9.86 -12.22
CA LYS A 261 -18.43 -10.26 -12.45
C LYS A 261 -18.57 -11.68 -12.98
N TYR A 262 -17.64 -12.11 -13.82
CA TYR A 262 -17.80 -13.34 -14.61
C TYR A 262 -16.68 -14.37 -14.43
N ASN A 263 -15.70 -14.04 -13.59
CA ASN A 263 -14.54 -14.88 -13.34
C ASN A 263 -13.79 -15.19 -14.65
N GLU A 264 -13.77 -14.18 -15.53
CA GLU A 264 -12.97 -14.29 -16.76
C GLU A 264 -11.50 -14.08 -16.43
N PRO A 265 -10.59 -14.61 -17.26
CA PRO A 265 -9.15 -14.41 -17.08
C PRO A 265 -8.76 -12.94 -17.23
N ARG A 266 -7.66 -12.53 -16.59
CA ARG A 266 -7.14 -11.18 -16.76
C ARG A 266 -6.85 -10.91 -18.23
N MET A 267 -6.93 -9.64 -18.62
CA MET A 267 -6.62 -9.27 -19.99
C MET A 267 -5.23 -9.76 -20.35
N PRO A 268 -5.09 -10.52 -21.45
CA PRO A 268 -3.72 -10.86 -21.89
C PRO A 268 -2.84 -9.63 -22.17
N TRP A 269 -1.53 -9.75 -21.97
CA TRP A 269 -0.60 -8.65 -22.18
C TRP A 269 -0.69 -7.99 -23.56
N PRO A 270 -0.75 -8.79 -24.65
CA PRO A 270 -0.88 -8.18 -25.96
C PRO A 270 -2.09 -7.24 -26.10
N GLU A 271 -3.22 -7.58 -25.46
CA GLU A 271 -4.38 -6.70 -25.47
C GLU A 271 -4.15 -5.46 -24.59
N VAL A 272 -3.40 -5.63 -23.50
CA VAL A 272 -2.99 -4.48 -22.69
C VAL A 272 -2.15 -3.52 -23.55
N VAL A 273 -1.20 -4.06 -24.31
CA VAL A 273 -0.38 -3.20 -25.14
C VAL A 273 -1.25 -2.47 -26.18
N ALA A 274 -2.23 -3.16 -26.74
CA ALA A 274 -3.14 -2.58 -27.71
C ALA A 274 -3.88 -1.41 -27.11
N LEU A 275 -4.29 -1.57 -25.84
CA LEU A 275 -4.96 -0.53 -25.08
C LEU A 275 -4.06 0.71 -24.91
N LEU A 276 -2.80 0.48 -24.52
CA LEU A 276 -1.81 1.56 -24.40
C LEU A 276 -1.58 2.27 -25.74
N GLN A 277 -1.54 1.50 -26.83
CA GLN A 277 -1.42 2.08 -28.17
C GLN A 277 -2.61 2.99 -28.48
N LYS A 278 -3.82 2.53 -28.21
CA LYS A 278 -5.01 3.38 -28.40
C LYS A 278 -4.91 4.66 -27.57
N TYR A 279 -4.42 4.54 -26.33
CA TYR A 279 -4.24 5.70 -25.46
C TYR A 279 -3.31 6.73 -26.08
N THR A 280 -2.22 6.28 -26.73
CA THR A 280 -1.27 7.21 -27.36
C THR A 280 -1.88 7.98 -28.54
N ARG A 281 -2.97 7.45 -29.09
CA ARG A 281 -3.65 8.06 -30.24
CA ARG A 281 -3.63 8.10 -30.23
C ARG A 281 -4.85 8.92 -29.83
N LEU A 282 -5.21 8.88 -28.55
CA LEU A 282 -6.28 9.72 -28.02
C LEU A 282 -5.72 11.10 -27.66
N GLU A 283 -6.36 12.17 -28.14
CA GLU A 283 -5.93 13.53 -27.79
C GLU A 283 -6.52 14.00 -26.45
N LYS A 284 -5.71 14.72 -25.69
CA LYS A 284 -6.11 15.27 -24.39
C LYS A 284 -6.34 16.77 -24.52
N GLN A 285 -7.54 17.21 -24.16
CA GLN A 285 -7.83 18.63 -24.16
C GLN A 285 -6.98 19.41 -23.16
N GLY A 286 -6.42 20.53 -23.61
CA GLY A 286 -5.58 21.38 -22.76
C GLY A 286 -4.16 20.86 -22.54
N ASP A 287 -3.76 19.84 -23.29
CA ASP A 287 -2.45 19.20 -23.14
C ASP A 287 -1.35 20.16 -23.58
N THR A 288 -0.44 20.49 -22.66
CA THR A 288 0.75 21.32 -22.93
C THR A 288 1.79 20.57 -23.77
N GLY A 289 1.73 19.24 -23.75
CA GLY A 289 2.65 18.41 -24.51
C GLY A 289 3.19 17.21 -23.76
N LEU A 290 3.08 17.21 -22.43
CA LEU A 290 3.64 16.13 -21.60
C LEU A 290 2.62 15.12 -21.04
N TYR A 291 1.35 15.26 -21.42
CA TYR A 291 0.31 14.38 -20.88
C TYR A 291 0.63 12.89 -21.11
N HIS A 292 0.88 12.50 -22.35
CA HIS A 292 1.05 11.06 -22.61
C HIS A 292 2.30 10.48 -21.97
N VAL A 293 3.38 11.25 -21.89
CA VAL A 293 4.60 10.80 -21.21
C VAL A 293 4.29 10.43 -19.76
N ALA A 294 3.67 11.36 -19.06
CA ALA A 294 3.36 11.16 -17.65
C ALA A 294 2.37 10.01 -17.49
N ARG A 295 1.33 9.98 -18.31
CA ARG A 295 0.25 9.03 -18.06
C ARG A 295 0.55 7.59 -18.50
N ILE A 296 1.30 7.42 -19.59
CA ILE A 296 1.76 6.09 -19.97
C ILE A 296 2.74 5.53 -18.92
N LYS A 297 3.70 6.34 -18.47
CA LYS A 297 4.59 5.88 -17.40
C LYS A 297 3.81 5.53 -16.13
N GLN A 298 2.84 6.36 -15.78
CA GLN A 298 2.03 6.10 -14.60
C GLN A 298 1.24 4.79 -14.72
N TRP A 299 0.58 4.58 -15.85
CA TRP A 299 -0.21 3.36 -16.00
C TRP A 299 0.71 2.13 -15.97
N LEU A 300 1.87 2.21 -16.62
CA LEU A 300 2.83 1.12 -16.55
C LEU A 300 3.30 0.86 -15.11
N SER A 301 3.44 1.92 -14.31
CA SER A 301 3.85 1.78 -12.91
C SER A 301 2.84 0.96 -12.09
N TYR A 302 1.56 1.05 -12.46
CA TYR A 302 0.49 0.20 -11.92
C TYR A 302 0.56 -1.22 -12.51
N LEU A 303 0.68 -1.31 -13.83
CA LEU A 303 0.65 -2.60 -14.51
C LEU A 303 1.76 -3.54 -14.11
N ARG A 304 2.91 -2.99 -13.70
CA ARG A 304 4.03 -3.84 -13.30
C ARG A 304 3.74 -4.70 -12.06
N LYS A 305 2.73 -4.32 -11.26
CA LYS A 305 2.33 -5.15 -10.12
C LYS A 305 1.79 -6.50 -10.58
N GLU A 306 1.22 -6.54 -11.78
CA GLU A 306 0.53 -7.71 -12.28
C GLU A 306 1.21 -8.39 -13.47
N TYR A 307 1.80 -7.60 -14.36
CA TYR A 307 2.35 -8.13 -15.63
C TYR A 307 3.87 -7.99 -15.65
N ASP A 308 4.58 -9.12 -15.73
CA ASP A 308 6.05 -9.12 -15.83
C ASP A 308 6.50 -8.23 -16.99
N GLU A 309 5.77 -8.34 -18.11
CA GLU A 309 6.09 -7.59 -19.31
C GLU A 309 6.04 -6.08 -19.11
N ALA A 310 5.22 -5.62 -18.16
CA ALA A 310 5.08 -4.19 -17.88
C ALA A 310 6.31 -3.64 -17.18
N THR A 311 6.96 -4.46 -16.36
CA THR A 311 8.22 -4.04 -15.74
C THR A 311 9.29 -3.82 -16.82
N GLU A 312 9.41 -4.74 -17.78
CA GLU A 312 10.39 -4.58 -18.85
C GLU A 312 10.09 -3.36 -19.72
N LEU A 313 8.81 -3.17 -20.08
CA LEU A 313 8.43 -2.05 -20.95
C LEU A 313 8.68 -0.72 -20.23
N PHE A 314 8.38 -0.68 -18.94
CA PHE A 314 8.65 0.50 -18.14
C PHE A 314 10.14 0.90 -18.16
N GLN A 315 11.03 -0.09 -18.09
CA GLN A 315 12.48 0.21 -18.18
C GLN A 315 12.83 0.87 -19.50
N HIS A 316 12.22 0.40 -20.58
CA HIS A 316 12.49 0.96 -21.92
C HIS A 316 11.95 2.37 -22.07
N VAL A 317 10.73 2.63 -21.59
CA VAL A 317 10.09 3.92 -21.83
C VAL A 317 10.32 4.98 -20.73
N ARG A 318 10.82 4.59 -19.55
CA ARG A 318 11.00 5.57 -18.45
C ARG A 318 12.00 6.68 -18.80
N VAL A 319 12.92 6.38 -19.71
CA VAL A 319 13.97 7.32 -20.11
C VAL A 319 13.51 8.32 -21.17
N LEU A 320 12.33 8.10 -21.74
CA LEU A 320 11.81 9.00 -22.76
C LEU A 320 11.12 10.18 -22.08
N ASN A 321 11.39 11.39 -22.57
CA ASN A 321 10.98 12.63 -21.87
C ASN A 321 9.94 13.46 -22.62
N ASN A 322 9.38 12.90 -23.69
CA ASN A 322 8.44 13.61 -24.54
C ASN A 322 7.40 12.68 -25.16
N SER A 323 6.21 13.21 -25.42
CA SER A 323 5.08 12.40 -25.82
C SER A 323 5.27 11.75 -27.20
N PRO A 324 5.77 12.50 -28.19
CA PRO A 324 5.99 11.83 -29.48
C PRO A 324 6.93 10.60 -29.40
N ASP A 325 8.00 10.71 -28.60
CA ASP A 325 8.93 9.56 -28.43
C ASP A 325 8.25 8.37 -27.78
N ILE A 326 7.48 8.60 -26.72
CA ILE A 326 6.81 7.50 -26.04
C ILE A 326 5.70 6.94 -26.93
N ALA A 327 5.01 7.81 -27.66
CA ALA A 327 4.01 7.34 -28.62
C ALA A 327 4.65 6.42 -29.66
N ARG A 328 5.76 6.86 -30.26
CA ARG A 328 6.44 6.02 -31.26
C ARG A 328 6.83 4.69 -30.65
N ALA A 329 7.44 4.73 -29.45
CA ALA A 329 7.91 3.52 -28.79
C ALA A 329 6.80 2.50 -28.51
N ILE A 330 5.67 2.97 -27.95
CA ILE A 330 4.54 2.09 -27.66
C ILE A 330 3.92 1.57 -28.97
N GLN A 331 3.74 2.46 -29.92
CA GLN A 331 3.12 2.10 -31.21
C GLN A 331 3.97 1.14 -32.04
N ALA A 332 5.29 1.16 -31.82
CA ALA A 332 6.22 0.30 -32.55
C ALA A 332 6.07 -1.17 -32.18
N ILE A 333 5.52 -1.46 -30.99
CA ILE A 333 5.40 -2.83 -30.50
C ILE A 333 4.44 -3.61 -31.39
N ASP A 334 4.89 -4.74 -31.92
CA ASP A 334 4.05 -5.59 -32.77
C ASP A 334 3.34 -6.61 -31.89
N ILE A 335 2.05 -6.38 -31.64
CA ILE A 335 1.31 -7.18 -30.67
C ILE A 335 1.08 -8.64 -31.11
N GLU A 336 1.20 -8.91 -32.41
CA GLU A 336 1.11 -10.29 -32.94
C GLU A 336 2.38 -11.10 -32.68
N LYS A 337 3.49 -10.41 -32.42
CA LYS A 337 4.75 -11.06 -32.04
C LYS A 337 4.84 -11.37 -30.55
N LEU A 338 4.04 -10.67 -29.73
CA LEU A 338 4.06 -10.85 -28.27
C LEU A 338 3.48 -12.20 -27.84
N ALA B 22 24.34 -17.36 -9.73
CA ALA B 22 24.86 -16.19 -8.99
C ALA B 22 24.39 -16.18 -7.55
N SER B 23 25.35 -16.03 -6.64
CA SER B 23 25.06 -15.92 -5.24
C SER B 23 24.09 -14.76 -4.98
N MET B 24 23.27 -14.92 -3.94
CA MET B 24 22.31 -13.91 -3.53
CA MET B 24 22.44 -13.81 -3.50
C MET B 24 22.23 -13.90 -1.99
N ARG B 25 22.21 -12.71 -1.37
CA ARG B 25 21.93 -12.59 0.05
CA ARG B 25 21.93 -12.55 0.06
C ARG B 25 20.49 -12.10 0.21
N VAL B 26 19.79 -12.67 1.17
CA VAL B 26 18.43 -12.24 1.51
C VAL B 26 18.41 -11.98 3.02
N LEU B 27 18.06 -10.74 3.38
CA LEU B 27 17.94 -10.29 4.75
C LEU B 27 16.46 -10.19 5.13
N LEU B 28 16.16 -10.62 6.36
CA LEU B 28 14.88 -10.42 6.96
C LEU B 28 14.86 -9.03 7.61
N ALA B 29 13.88 -8.22 7.20
CA ALA B 29 13.82 -6.82 7.57
C ALA B 29 13.54 -6.62 9.06
N PRO B 30 14.01 -5.50 9.62
CA PRO B 30 13.47 -5.10 10.93
C PRO B 30 11.98 -4.70 10.80
N MET B 31 11.11 -5.22 11.67
CA MET B 31 9.71 -4.82 11.71
C MET B 31 9.22 -4.72 13.15
N GLU B 32 9.31 -3.51 13.69
CA GLU B 32 8.77 -3.18 15.01
C GLU B 32 7.37 -3.74 15.19
N GLY B 33 7.19 -4.52 16.27
CA GLY B 33 5.88 -5.04 16.64
C GLY B 33 5.39 -6.19 15.78
N VAL B 34 6.27 -6.73 14.92
CA VAL B 34 5.94 -7.86 14.05
C VAL B 34 7.01 -8.95 14.14
N LEU B 35 8.23 -8.63 13.72
CA LEU B 35 9.31 -9.61 13.67
C LEU B 35 10.15 -9.59 14.94
N ASP B 36 9.53 -10.06 16.01
CA ASP B 36 10.22 -10.26 17.28
C ASP B 36 10.96 -11.60 17.26
N SER B 37 11.59 -11.96 18.38
CA SER B 37 12.41 -13.16 18.42
C SER B 37 11.59 -14.44 18.17
N LEU B 38 10.32 -14.45 18.58
CA LEU B 38 9.45 -15.62 18.38
C LEU B 38 9.23 -15.85 16.88
N VAL B 39 8.89 -14.80 16.17
CA VAL B 39 8.64 -14.94 14.74
C VAL B 39 9.96 -15.20 13.99
N ARG B 40 11.07 -14.58 14.43
CA ARG B 40 12.36 -14.88 13.84
C ARG B 40 12.73 -16.37 14.03
N GLU B 41 12.43 -16.92 15.20
CA GLU B 41 12.69 -18.34 15.46
C GLU B 41 11.89 -19.19 14.46
N LEU B 42 10.61 -18.89 14.36
CA LEU B 42 9.70 -19.67 13.50
C LEU B 42 10.11 -19.61 12.03
N LEU B 43 10.34 -18.39 11.54
CA LEU B 43 10.68 -18.21 10.12
C LEU B 43 12.06 -18.76 9.79
N THR B 44 13.05 -18.51 10.64
CA THR B 44 14.40 -18.94 10.26
C THR B 44 14.55 -20.46 10.15
N GLU B 45 13.75 -21.21 10.93
CA GLU B 45 13.76 -22.66 10.87
C GLU B 45 13.40 -23.19 9.47
N VAL B 46 12.56 -22.45 8.76
CA VAL B 46 12.02 -22.89 7.47
C VAL B 46 12.49 -22.00 6.32
N ASN B 47 13.59 -21.26 6.55
CA ASN B 47 14.13 -20.34 5.58
C ASN B 47 15.64 -20.42 5.53
N ASP B 48 16.19 -19.77 4.50
CA ASP B 48 17.63 -19.58 4.34
C ASP B 48 17.87 -18.08 4.29
N TYR B 49 17.49 -17.38 5.38
CA TYR B 49 17.86 -15.98 5.54
C TYR B 49 19.33 -15.87 5.90
N ASP B 50 20.02 -14.90 5.32
CA ASP B 50 21.42 -14.63 5.66
C ASP B 50 21.63 -13.87 6.97
N LEU B 51 20.65 -13.04 7.31
CA LEU B 51 20.70 -12.15 8.46
C LEU B 51 19.28 -11.65 8.72
N CYS B 52 18.93 -11.51 9.98
CA CYS B 52 17.75 -10.78 10.42
C CYS B 52 18.16 -9.55 11.22
N ILE B 53 17.37 -8.49 11.10
CA ILE B 53 17.60 -7.27 11.88
C ILE B 53 16.53 -7.22 12.98
N THR B 54 16.94 -6.88 14.20
CA THR B 54 15.97 -6.80 15.29
C THR B 54 15.06 -5.59 15.12
N GLU B 55 14.00 -5.59 15.91
CA GLU B 55 13.23 -4.38 16.12
C GLU B 55 14.19 -3.34 16.73
N PHE B 56 13.97 -2.05 16.51
CA PHE B 56 14.91 -1.04 16.99
C PHE B 56 14.92 -0.93 18.51
N VAL B 57 16.11 -0.67 19.02
CA VAL B 57 16.32 -0.15 20.35
C VAL B 57 16.28 1.39 20.23
N ARG B 58 15.34 2.03 20.94
CA ARG B 58 15.18 3.51 20.88
C ARG B 58 16.27 4.17 21.75
N VAL B 59 17.18 4.87 21.11
CA VAL B 59 18.30 5.53 21.78
C VAL B 59 18.03 7.02 21.83
N VAL B 60 18.06 7.56 23.05
CA VAL B 60 17.84 8.98 23.25
C VAL B 60 19.10 9.57 23.90
N ASP B 61 19.21 9.47 25.22
CA ASP B 61 20.21 10.23 25.96
C ASP B 61 20.85 9.42 27.09
N GLN B 62 20.78 8.09 26.99
CA GLN B 62 21.47 7.24 27.95
C GLN B 62 21.88 5.90 27.38
N LEU B 63 22.78 5.24 28.09
CA LEU B 63 23.10 3.86 27.83
C LEU B 63 21.93 3.02 28.34
N LEU B 64 21.35 2.21 27.47
CA LEU B 64 20.20 1.41 27.86
C LEU B 64 20.65 0.19 28.64
N PRO B 65 19.85 -0.23 29.64
CA PRO B 65 20.19 -1.42 30.40
C PRO B 65 20.30 -2.69 29.54
N VAL B 66 21.12 -3.63 30.01
CA VAL B 66 21.34 -4.89 29.33
C VAL B 66 20.03 -5.60 29.04
N LYS B 67 19.11 -5.57 29.99
CA LYS B 67 17.81 -6.21 29.85
C LYS B 67 17.01 -5.71 28.63
N VAL B 68 17.19 -4.45 28.27
CA VAL B 68 16.52 -3.90 27.08
C VAL B 68 17.03 -4.62 25.82
N PHE B 69 18.35 -4.79 25.74
CA PHE B 69 18.97 -5.51 24.63
C PHE B 69 18.55 -6.98 24.59
N HIS B 70 18.55 -7.62 25.76
CA HIS B 70 18.17 -9.03 25.83
C HIS B 70 16.71 -9.26 25.45
N ARG B 71 15.84 -8.31 25.79
CA ARG B 71 14.44 -8.44 25.44
C ARG B 71 14.22 -8.24 23.92
N ILE B 72 14.89 -7.25 23.35
CA ILE B 72 14.84 -7.03 21.92
C ILE B 72 15.52 -8.18 21.15
N CYS B 73 16.59 -8.71 21.71
CA CYS B 73 17.42 -9.70 21.01
C CYS B 73 17.87 -10.80 21.98
N PRO B 74 16.97 -11.75 22.27
CA PRO B 74 17.33 -12.93 23.05
C PRO B 74 18.46 -13.76 22.42
N GLU B 75 18.63 -13.59 21.11
CA GLU B 75 19.68 -14.28 20.35
C GLU B 75 21.10 -13.90 20.79
N LEU B 76 21.25 -12.74 21.45
CA LEU B 76 22.53 -12.36 22.05
C LEU B 76 23.09 -13.45 22.98
N GLN B 77 22.19 -14.18 23.66
CA GLN B 77 22.59 -15.24 24.59
C GLN B 77 22.83 -16.56 23.85
N ASN B 78 22.69 -16.54 22.52
CA ASN B 78 22.99 -17.70 21.66
C ASN B 78 23.96 -17.31 20.52
N ALA B 79 25.01 -16.59 20.86
CA ALA B 79 26.03 -16.15 19.87
C ALA B 79 25.43 -15.39 18.65
N SER B 80 24.42 -14.59 18.93
CA SER B 80 23.75 -13.73 17.95
C SER B 80 23.02 -14.50 16.87
N ARG B 81 22.55 -15.71 17.20
CA ARG B 81 21.79 -16.52 16.26
C ARG B 81 20.45 -16.98 16.82
N THR B 82 19.49 -17.14 15.91
CA THR B 82 18.24 -17.81 16.24
C THR B 82 18.52 -19.28 16.58
N PRO B 83 17.54 -19.99 17.16
CA PRO B 83 17.82 -21.37 17.57
C PRO B 83 18.25 -22.29 16.41
N SER B 84 17.76 -22.02 15.20
CA SER B 84 18.15 -22.81 14.03
C SER B 84 19.49 -22.35 13.41
N GLY B 85 20.05 -21.24 13.89
CA GLY B 85 21.40 -20.82 13.51
C GLY B 85 21.55 -19.58 12.63
N THR B 86 20.46 -18.89 12.32
CA THR B 86 20.55 -17.69 11.49
C THR B 86 21.02 -16.47 12.31
N LEU B 87 22.00 -15.74 11.76
CA LEU B 87 22.49 -14.51 12.36
C LEU B 87 21.44 -13.41 12.50
N VAL B 88 21.54 -12.67 13.60
CA VAL B 88 20.67 -11.56 13.92
C VAL B 88 21.54 -10.38 14.35
N ARG B 89 21.13 -9.18 13.99
CA ARG B 89 21.88 -7.96 14.31
C ARG B 89 20.94 -6.96 14.95
N VAL B 90 21.36 -6.40 16.09
CA VAL B 90 20.63 -5.35 16.76
C VAL B 90 20.59 -4.05 15.94
N GLN B 91 19.40 -3.46 15.86
CA GLN B 91 19.21 -2.14 15.29
C GLN B 91 19.01 -1.09 16.39
N LEU B 92 19.67 0.05 16.21
CA LEU B 92 19.43 1.25 17.01
C LEU B 92 18.66 2.29 16.19
N LEU B 93 17.77 3.02 16.87
CA LEU B 93 17.08 4.17 16.29
C LEU B 93 17.37 5.35 17.17
N GLY B 94 17.94 6.39 16.58
CA GLY B 94 18.21 7.63 17.32
C GLY B 94 19.15 8.53 16.59
N GLN B 95 19.47 9.66 17.19
CA GLN B 95 20.33 10.61 16.50
C GLN B 95 21.52 11.20 17.24
N PHE B 96 21.57 11.09 18.57
CA PHE B 96 22.70 11.69 19.29
C PHE B 96 23.93 10.76 19.17
N PRO B 97 24.98 11.23 18.49
CA PRO B 97 26.12 10.32 18.23
C PRO B 97 26.72 9.67 19.46
N GLN B 98 26.93 10.45 20.54
CA GLN B 98 27.51 9.89 21.77
C GLN B 98 26.75 8.64 22.24
N TRP B 99 25.42 8.72 22.24
CA TRP B 99 24.58 7.65 22.77
C TRP B 99 24.38 6.53 21.78
N LEU B 100 24.34 6.84 20.50
CA LEU B 100 24.42 5.77 19.48
C LEU B 100 25.69 4.97 19.66
N ALA B 101 26.82 5.66 19.92
CA ALA B 101 28.10 4.98 20.10
C ALA B 101 28.08 4.08 21.33
N GLU B 102 27.63 4.61 22.47
CA GLU B 102 27.66 3.84 23.71
C GLU B 102 26.75 2.62 23.62
N ASN B 103 25.59 2.76 22.98
CA ASN B 103 24.67 1.65 22.85
C ASN B 103 25.12 0.65 21.79
N ALA B 104 25.79 1.13 20.74
CA ALA B 104 26.41 0.22 19.76
C ALA B 104 27.47 -0.66 20.39
N ALA B 105 28.33 -0.06 21.23
CA ALA B 105 29.34 -0.83 21.92
C ALA B 105 28.73 -1.88 22.82
N ARG B 106 27.67 -1.51 23.56
CA ARG B 106 26.97 -2.47 24.41
C ARG B 106 26.38 -3.60 23.58
N ALA B 107 25.72 -3.29 22.47
CA ALA B 107 25.12 -4.34 21.63
C ALA B 107 26.15 -5.40 21.23
N VAL B 108 27.34 -4.96 20.80
CA VAL B 108 28.39 -5.90 20.37
C VAL B 108 29.06 -6.59 21.57
N GLU B 109 29.19 -5.87 22.69
CA GLU B 109 29.71 -6.48 23.93
C GLU B 109 28.83 -7.65 24.37
N LEU B 110 27.52 -7.49 24.21
CA LEU B 110 26.55 -8.53 24.53
C LEU B 110 26.48 -9.66 23.49
N GLY B 111 27.16 -9.47 22.36
CA GLY B 111 27.25 -10.52 21.34
C GLY B 111 26.72 -10.20 19.96
N SER B 112 26.14 -9.01 19.74
CA SER B 112 25.51 -8.75 18.45
C SER B 112 26.53 -8.82 17.31
N TRP B 113 26.16 -9.49 16.24
CA TRP B 113 27.00 -9.54 15.04
C TRP B 113 26.88 -8.22 14.29
N GLY B 114 27.68 -7.25 14.75
CA GLY B 114 27.62 -5.90 14.27
C GLY B 114 26.39 -5.17 14.81
N VAL B 115 26.11 -4.02 14.24
CA VAL B 115 24.96 -3.22 14.66
CA VAL B 115 25.01 -3.14 14.69
C VAL B 115 24.46 -2.40 13.47
N ASP B 116 23.15 -2.16 13.47
CA ASP B 116 22.46 -1.44 12.42
C ASP B 116 21.92 -0.12 12.95
N LEU B 117 21.86 0.87 12.07
CA LEU B 117 21.29 2.18 12.39
C LEU B 117 20.11 2.49 11.51
N ASN B 118 18.99 2.83 12.15
CA ASN B 118 17.75 3.23 11.46
C ASN B 118 17.74 4.71 11.13
N CYS B 119 17.57 4.95 9.81
CA CYS B 119 17.33 6.27 9.19
C CYS B 119 16.15 6.33 8.18
N GLY B 120 15.34 5.27 8.05
CA GLY B 120 14.25 5.23 7.05
C GLY B 120 12.85 4.88 7.55
N GLY B 131 15.57 10.83 14.95
CA GLY B 131 15.77 9.44 14.56
C GLY B 131 15.00 9.03 13.31
N GLY B 132 15.42 7.93 12.70
CA GLY B 132 14.67 7.32 11.60
C GLY B 132 14.54 8.21 10.38
N ALA B 133 13.39 8.15 9.71
CA ALA B 133 13.12 8.89 8.46
C ALA B 133 13.41 10.41 8.52
N THR B 134 13.30 11.03 9.70
CA THR B 134 13.57 12.47 9.82
C THR B 134 15.05 12.81 9.55
N LEU B 135 15.96 11.86 9.78
CA LEU B 135 17.40 12.09 9.48
C LEU B 135 17.73 12.26 7.99
N LEU B 136 16.88 11.71 7.11
CA LEU B 136 17.00 11.95 5.66
C LEU B 136 17.02 13.45 5.29
N LYS B 137 16.49 14.28 6.18
CA LYS B 137 16.48 15.73 5.98
C LYS B 137 17.86 16.37 6.26
N ASP B 138 18.71 15.67 7.02
CA ASP B 138 20.08 16.14 7.26
C ASP B 138 21.12 15.01 7.18
N PRO B 139 21.80 14.89 6.02
CA PRO B 139 22.93 13.96 5.81
C PRO B 139 24.07 14.07 6.84
N GLU B 140 24.30 15.27 7.36
CA GLU B 140 25.35 15.48 8.36
C GLU B 140 25.04 14.70 9.65
N LEU B 141 23.77 14.59 10.01
CA LEU B 141 23.38 13.81 11.21
C LEU B 141 23.64 12.32 11.02
N ILE B 142 23.36 11.82 9.81
CA ILE B 142 23.61 10.42 9.48
C ILE B 142 25.12 10.17 9.54
N TYR B 143 25.90 11.05 8.94
CA TYR B 143 27.37 10.95 8.98
C TYR B 143 27.87 10.85 10.41
N GLN B 144 27.51 11.81 11.25
CA GLN B 144 28.01 11.82 12.63
C GLN B 144 27.54 10.59 13.44
N GLY B 145 26.29 10.18 13.27
CA GLY B 145 25.76 9.02 14.00
C GLY B 145 26.45 7.73 13.56
N ALA B 146 26.50 7.51 12.25
CA ALA B 146 27.15 6.32 11.69
C ALA B 146 28.63 6.26 12.03
N LYS B 147 29.31 7.41 11.96
CA LYS B 147 30.75 7.48 12.26
C LYS B 147 31.00 7.13 13.72
N ALA B 148 30.19 7.65 14.62
CA ALA B 148 30.36 7.36 16.04
C ALA B 148 30.16 5.86 16.32
N MET B 149 29.17 5.26 15.69
CA MET B 149 28.96 3.83 15.81
C MET B 149 30.13 3.03 15.24
N ARG B 150 30.59 3.41 14.04
CA ARG B 150 31.77 2.75 13.45
C ARG B 150 32.98 2.78 14.37
N GLU B 151 33.22 3.93 14.99
CA GLU B 151 34.36 4.07 15.90
C GLU B 151 34.19 3.26 17.20
N ALA B 152 32.95 3.03 17.62
CA ALA B 152 32.68 2.32 18.88
C ALA B 152 32.63 0.80 18.74
N VAL B 153 32.47 0.30 17.51
CA VAL B 153 32.33 -1.12 17.26
C VAL B 153 33.66 -1.67 16.72
N PRO B 154 34.15 -2.80 17.29
CA PRO B 154 35.38 -3.40 16.78
C PRO B 154 35.37 -3.50 15.25
N ALA B 155 36.49 -3.09 14.65
CA ALA B 155 36.62 -2.84 13.22
C ALA B 155 36.26 -4.03 12.34
N HIS B 156 36.45 -5.24 12.84
CA HIS B 156 36.12 -6.45 12.07
C HIS B 156 34.62 -6.75 12.00
N LEU B 157 33.82 -6.09 12.81
CA LEU B 157 32.37 -6.32 12.86
C LEU B 157 31.64 -5.27 12.02
N PRO B 158 30.51 -5.66 11.39
CA PRO B 158 29.81 -4.74 10.48
C PRO B 158 28.98 -3.68 11.19
N VAL B 159 28.93 -2.50 10.60
CA VAL B 159 28.00 -1.45 10.98
C VAL B 159 27.22 -1.09 9.72
N SER B 160 25.91 -1.32 9.78
CA SER B 160 25.04 -1.10 8.64
C SER B 160 24.11 0.07 8.95
N VAL B 161 23.61 0.70 7.88
CA VAL B 161 22.67 1.79 7.97
C VAL B 161 21.55 1.53 7.00
N LYS B 162 20.33 1.80 7.46
CA LYS B 162 19.12 1.60 6.68
C LYS B 162 18.47 2.97 6.42
N VAL B 163 18.21 3.23 5.14
CA VAL B 163 17.68 4.52 4.70
C VAL B 163 16.55 4.37 3.68
N ARG B 164 15.84 5.48 3.45
CA ARG B 164 14.96 5.64 2.30
C ARG B 164 15.65 6.56 1.29
N LEU B 165 15.03 6.70 0.12
CA LEU B 165 15.52 7.62 -0.92
C LEU B 165 15.44 9.09 -0.52
N GLY B 166 14.52 9.43 0.36
CA GLY B 166 14.52 10.80 0.89
C GLY B 166 13.29 11.10 1.73
N TRP B 167 13.08 12.39 2.02
CA TRP B 167 11.90 12.84 2.76
C TRP B 167 10.70 13.03 1.81
N ASP B 168 10.66 14.14 1.07
CA ASP B 168 9.62 14.38 0.05
C ASP B 168 10.20 14.37 -1.37
N SER B 169 11.50 14.13 -1.48
CA SER B 169 12.21 14.05 -2.75
C SER B 169 13.31 13.00 -2.68
N GLY B 170 13.73 12.52 -3.85
CA GLY B 170 14.94 11.72 -3.96
C GLY B 170 16.15 12.59 -4.31
N GLU B 171 16.03 13.91 -4.11
CA GLU B 171 17.09 14.86 -4.52
C GLU B 171 18.40 14.70 -3.70
N LYS B 172 18.24 14.37 -2.42
CA LYS B 172 19.37 14.18 -1.50
C LYS B 172 19.83 12.73 -1.41
N LYS B 173 19.39 11.87 -2.34
CA LYS B 173 19.58 10.45 -2.13
C LYS B 173 21.06 10.07 -2.20
N PHE B 174 21.84 10.77 -3.08
CA PHE B 174 23.32 10.61 -3.02
C PHE B 174 23.96 11.23 -1.79
N GLU B 175 23.49 12.38 -1.31
CA GLU B 175 24.10 12.98 -0.11
C GLU B 175 24.00 12.04 1.10
N ILE B 176 22.85 11.39 1.24
CA ILE B 176 22.64 10.42 2.32
C ILE B 176 23.60 9.23 2.16
N ALA B 177 23.60 8.63 0.98
CA ALA B 177 24.48 7.50 0.70
C ALA B 177 25.95 7.84 0.90
N ASP B 178 26.36 9.02 0.43
CA ASP B 178 27.75 9.48 0.59
C ASP B 178 28.10 9.61 2.06
N ALA B 179 27.16 10.12 2.86
CA ALA B 179 27.38 10.29 4.29
C ALA B 179 27.67 8.94 4.98
N VAL B 180 26.91 7.92 4.61
CA VAL B 180 27.04 6.60 5.21
C VAL B 180 28.40 6.01 4.86
N GLN B 181 28.79 6.12 3.58
CA GLN B 181 30.10 5.57 3.19
C GLN B 181 31.24 6.35 3.83
N GLN B 182 31.16 7.67 3.80
CA GLN B 182 32.23 8.49 4.36
C GLN B 182 32.42 8.27 5.86
N ALA B 183 31.31 7.96 6.54
CA ALA B 183 31.30 7.59 7.96
C ALA B 183 32.06 6.28 8.28
N GLY B 184 32.27 5.44 7.27
CA GLY B 184 32.94 4.16 7.45
C GLY B 184 32.01 2.98 7.65
N ALA B 185 30.72 3.16 7.36
CA ALA B 185 29.79 2.06 7.48
C ALA B 185 30.14 0.93 6.51
N THR B 186 29.71 -0.26 6.87
CA THR B 186 30.02 -1.47 6.09
C THR B 186 29.11 -1.69 4.89
N GLU B 187 27.84 -1.40 5.09
CA GLU B 187 26.83 -1.63 4.07
C GLU B 187 25.61 -0.75 4.28
N LEU B 188 24.85 -0.59 3.20
CA LEU B 188 23.71 0.32 3.18
C LEU B 188 22.46 -0.37 2.68
N VAL B 189 21.39 -0.38 3.48
CA VAL B 189 20.10 -0.88 3.02
C VAL B 189 19.31 0.32 2.54
N VAL B 190 18.75 0.21 1.34
CA VAL B 190 17.94 1.29 0.76
C VAL B 190 16.54 0.78 0.43
N HIS B 191 15.56 1.30 1.15
CA HIS B 191 14.15 1.17 0.78
C HIS B 191 13.87 2.13 -0.37
N GLY B 192 13.51 1.61 -1.54
CA GLY B 192 13.42 2.39 -2.77
C GLY B 192 12.19 3.27 -2.94
N ARG B 193 11.84 3.99 -1.87
CA ARG B 193 10.78 4.99 -1.88
C ARG B 193 11.22 6.12 -0.97
N THR B 194 10.69 7.32 -1.21
CA THR B 194 10.85 8.44 -0.28
C THR B 194 9.89 8.20 0.91
N LYS B 195 10.13 8.90 2.01
CA LYS B 195 9.22 8.85 3.15
C LYS B 195 7.78 9.20 2.75
N GLU B 196 7.64 10.24 1.94
CA GLU B 196 6.31 10.72 1.49
C GLU B 196 5.59 9.66 0.64
N GLN B 197 6.35 8.83 -0.07
CA GLN B 197 5.77 7.77 -0.89
C GLN B 197 5.33 6.55 -0.06
N GLY B 198 5.74 6.50 1.21
CA GLY B 198 5.29 5.45 2.15
C GLY B 198 5.51 4.03 1.64
N TYR B 199 4.40 3.30 1.51
CA TYR B 199 4.41 1.90 1.08
C TYR B 199 3.63 1.70 -0.23
N ARG B 200 3.50 2.78 -1.01
CA ARG B 200 2.70 2.74 -2.23
C ARG B 200 3.47 1.96 -3.30
N ALA B 201 2.91 0.85 -3.74
CA ALA B 201 3.59 -0.08 -4.64
C ALA B 201 4.08 0.56 -5.94
N GLU B 202 3.25 1.44 -6.51
CA GLU B 202 3.53 2.06 -7.80
C GLU B 202 4.71 3.06 -7.77
N HIS B 203 5.15 3.44 -6.56
CA HIS B 203 6.30 4.35 -6.43
C HIS B 203 7.64 3.67 -6.19
N ILE B 204 7.66 2.34 -6.13
CA ILE B 204 8.95 1.64 -5.89
C ILE B 204 9.94 1.97 -7.02
N ASP B 205 11.19 2.25 -6.65
CA ASP B 205 12.20 2.65 -7.64
C ASP B 205 13.52 1.95 -7.36
N TRP B 206 13.63 0.73 -7.89
CA TRP B 206 14.83 -0.06 -7.73
C TRP B 206 15.97 0.50 -8.58
N GLN B 207 15.65 1.21 -9.65
CA GLN B 207 16.70 1.85 -10.47
C GLN B 207 17.45 2.92 -9.68
N ALA B 208 16.73 3.67 -8.85
CA ALA B 208 17.36 4.67 -8.00
C ALA B 208 18.36 3.99 -7.03
N ILE B 209 17.99 2.82 -6.54
CA ILE B 209 18.89 2.05 -5.70
C ILE B 209 20.18 1.69 -6.48
N GLY B 210 20.03 1.26 -7.72
CA GLY B 210 21.18 0.97 -8.58
C GLY B 210 22.07 2.17 -8.82
N ASP B 211 21.48 3.36 -8.95
CA ASP B 211 22.26 4.58 -9.16
C ASP B 211 23.14 4.87 -7.94
N ILE B 212 22.61 4.59 -6.75
CA ILE B 212 23.37 4.69 -5.51
C ILE B 212 24.52 3.68 -5.47
N ARG B 213 24.21 2.43 -5.79
CA ARG B 213 25.19 1.34 -5.79
C ARG B 213 26.39 1.69 -6.70
N GLN B 214 26.11 2.22 -7.90
CA GLN B 214 27.16 2.52 -8.86
C GLN B 214 28.16 3.54 -8.34
N ARG B 215 27.69 4.40 -7.44
CA ARG B 215 28.53 5.47 -6.88
C ARG B 215 29.40 5.01 -5.70
N LEU B 216 28.97 3.95 -5.02
CA LEU B 216 29.57 3.55 -3.75
C LEU B 216 30.60 2.44 -3.87
N ASN B 217 31.28 2.18 -2.76
CA ASN B 217 32.21 1.06 -2.65
C ASN B 217 31.88 0.16 -1.46
N ILE B 218 30.62 0.22 -1.04
CA ILE B 218 30.09 -0.68 -0.03
C ILE B 218 28.85 -1.36 -0.58
N PRO B 219 28.55 -2.57 -0.09
CA PRO B 219 27.33 -3.20 -0.59
C PRO B 219 26.07 -2.39 -0.32
N VAL B 220 25.17 -2.42 -1.30
CA VAL B 220 23.85 -1.83 -1.19
C VAL B 220 22.85 -2.97 -1.22
N ILE B 221 21.97 -2.97 -0.23
CA ILE B 221 20.99 -4.01 -0.10
C ILE B 221 19.66 -3.41 -0.51
N ALA B 222 19.07 -3.93 -1.58
CA ALA B 222 17.84 -3.36 -2.12
C ALA B 222 16.63 -3.80 -1.29
N ASN B 223 15.72 -2.86 -1.07
CA ASN B 223 14.52 -3.14 -0.28
C ASN B 223 13.28 -2.46 -0.82
N GLY B 224 12.14 -3.14 -0.71
CA GLY B 224 10.84 -2.59 -1.08
C GLY B 224 10.14 -3.38 -2.18
N GLU B 225 8.95 -3.89 -1.86
CA GLU B 225 8.06 -4.54 -2.84
C GLU B 225 8.59 -5.83 -3.43
N ILE B 226 9.43 -6.55 -2.71
CA ILE B 226 9.85 -7.89 -3.14
C ILE B 226 8.92 -8.91 -2.50
N TRP B 227 8.13 -9.59 -3.35
CA TRP B 227 7.04 -10.47 -2.90
C TRP B 227 7.12 -11.92 -3.33
N ASP B 228 7.99 -12.20 -4.31
CA ASP B 228 8.05 -13.51 -4.92
C ASP B 228 9.32 -13.63 -5.76
N TRP B 229 9.49 -14.75 -6.45
CA TRP B 229 10.74 -15.00 -7.16
C TRP B 229 10.96 -13.97 -8.26
N GLN B 230 9.93 -13.75 -9.08
CA GLN B 230 10.04 -12.84 -10.20
C GLN B 230 10.30 -11.40 -9.81
N SER B 231 9.63 -10.88 -8.77
CA SER B 231 9.88 -9.50 -8.35
C SER B 231 11.31 -9.36 -7.84
N ALA B 232 11.83 -10.37 -7.15
CA ALA B 232 13.23 -10.32 -6.66
C ALA B 232 14.19 -10.33 -7.86
N GLN B 233 13.90 -11.14 -8.86
CA GLN B 233 14.71 -11.16 -10.08
C GLN B 233 14.74 -9.78 -10.75
N GLN B 234 13.56 -9.15 -10.86
CA GLN B 234 13.45 -7.83 -11.47
C GLN B 234 14.26 -6.82 -10.65
N CYS B 235 14.08 -6.85 -9.33
CA CYS B 235 14.80 -5.94 -8.46
C CYS B 235 16.32 -6.05 -8.64
N MET B 236 16.82 -7.29 -8.64
CA MET B 236 18.28 -7.49 -8.78
C MET B 236 18.78 -7.06 -10.16
N ALA B 237 17.98 -7.33 -11.19
CA ALA B 237 18.36 -6.94 -12.55
C ALA B 237 18.40 -5.43 -12.73
N ILE B 238 17.42 -4.74 -12.16
CA ILE B 238 17.30 -3.27 -12.34
C ILE B 238 18.32 -2.53 -11.48
N SER B 239 18.46 -2.96 -10.23
CA SER B 239 19.35 -2.32 -9.28
C SER B 239 20.82 -2.76 -9.40
N GLY B 240 21.04 -3.95 -9.97
CA GLY B 240 22.36 -4.57 -9.95
C GLY B 240 22.77 -5.08 -8.58
N CYS B 241 21.86 -5.06 -7.60
CA CYS B 241 22.18 -5.58 -6.26
C CYS B 241 22.03 -7.09 -6.23
N ASP B 242 23.01 -7.76 -5.60
CA ASP B 242 22.95 -9.19 -5.33
C ASP B 242 22.56 -9.46 -3.87
N ALA B 243 21.96 -8.47 -3.24
CA ALA B 243 21.54 -8.57 -1.84
C ALA B 243 20.24 -7.79 -1.73
N VAL B 244 19.23 -8.43 -1.14
CA VAL B 244 17.92 -7.83 -0.96
C VAL B 244 17.44 -8.05 0.45
N MET B 245 16.54 -7.18 0.86
CA MET B 245 15.86 -7.27 2.16
C MET B 245 14.37 -7.35 1.92
N ILE B 246 13.75 -8.29 2.64
CA ILE B 246 12.31 -8.54 2.59
C ILE B 246 11.65 -8.35 3.98
N GLY B 247 10.58 -7.57 4.00
CA GLY B 247 9.82 -7.30 5.19
C GLY B 247 8.42 -7.90 5.11
N ARG B 248 7.46 -7.12 4.62
CA ARG B 248 6.07 -7.53 4.66
C ARG B 248 5.85 -8.84 3.92
N GLY B 249 6.56 -9.02 2.80
CA GLY B 249 6.41 -10.24 1.99
C GLY B 249 6.83 -11.50 2.74
N ALA B 250 7.69 -11.35 3.73
CA ALA B 250 8.17 -12.47 4.55
C ALA B 250 7.11 -12.98 5.51
N LEU B 251 6.15 -12.13 5.81
CA LEU B 251 4.98 -12.54 6.59
C LEU B 251 3.92 -13.11 5.66
N ASN B 252 3.73 -12.48 4.49
CA ASN B 252 2.72 -12.93 3.53
C ASN B 252 2.99 -14.33 2.99
N ILE B 253 4.26 -14.62 2.71
CA ILE B 253 4.71 -15.90 2.22
C ILE B 253 5.80 -16.39 3.16
N PRO B 254 5.44 -17.27 4.12
CA PRO B 254 6.43 -17.53 5.19
C PRO B 254 7.76 -18.18 4.80
N ASN B 255 7.82 -18.83 3.63
CA ASN B 255 9.10 -19.35 3.13
C ASN B 255 9.73 -18.46 2.05
N LEU B 256 9.48 -17.15 2.13
CA LEU B 256 9.87 -16.28 1.00
C LEU B 256 11.39 -16.32 0.67
N SER B 257 12.27 -16.48 1.65
CA SER B 257 13.71 -16.57 1.30
C SER B 257 14.01 -17.68 0.30
N ARG B 258 13.32 -18.80 0.44
CA ARG B 258 13.54 -19.96 -0.43
C ARG B 258 12.82 -19.81 -1.78
N VAL B 259 11.67 -19.14 -1.76
CA VAL B 259 10.99 -18.75 -3.01
C VAL B 259 11.93 -17.87 -3.84
N VAL B 260 12.54 -16.88 -3.18
CA VAL B 260 13.43 -15.91 -3.83
C VAL B 260 14.76 -16.53 -4.28
N LYS B 261 15.42 -17.28 -3.40
CA LYS B 261 16.72 -17.88 -3.71
C LYS B 261 16.65 -19.02 -4.71
N TYR B 262 15.59 -19.84 -4.61
CA TYR B 262 15.55 -21.14 -5.31
C TYR B 262 14.34 -21.34 -6.21
N ASN B 263 13.46 -20.34 -6.27
CA ASN B 263 12.22 -20.45 -7.05
C ASN B 263 11.38 -21.64 -6.59
N GLU B 264 11.43 -21.95 -5.30
CA GLU B 264 10.53 -22.91 -4.70
C GLU B 264 9.10 -22.36 -4.66
N PRO B 265 8.10 -23.27 -4.66
CA PRO B 265 6.72 -22.82 -4.47
C PRO B 265 6.50 -22.14 -3.11
N ARG B 266 5.51 -21.24 -3.03
CA ARG B 266 5.10 -20.70 -1.76
C ARG B 266 4.75 -21.84 -0.78
N MET B 267 4.99 -21.59 0.49
CA MET B 267 4.67 -22.55 1.52
C MET B 267 3.20 -22.97 1.41
N PRO B 268 2.93 -24.28 1.37
CA PRO B 268 1.53 -24.68 1.29
C PRO B 268 0.77 -24.24 2.55
N TRP B 269 -0.51 -23.93 2.39
CA TRP B 269 -1.32 -23.50 3.52
C TRP B 269 -1.22 -24.41 4.74
N PRO B 270 -1.25 -25.75 4.55
CA PRO B 270 -1.16 -26.59 5.75
C PRO B 270 0.11 -26.37 6.57
N GLU B 271 1.22 -26.10 5.90
CA GLU B 271 2.48 -25.78 6.56
C GLU B 271 2.44 -24.39 7.22
N VAL B 272 1.70 -23.45 6.63
CA VAL B 272 1.52 -22.15 7.30
C VAL B 272 0.76 -22.34 8.62
N VAL B 273 -0.30 -23.14 8.59
CA VAL B 273 -1.06 -23.40 9.81
C VAL B 273 -0.17 -24.06 10.87
N ALA B 274 0.67 -25.00 10.46
CA ALA B 274 1.63 -25.61 11.35
C ALA B 274 2.51 -24.56 12.04
N LEU B 275 2.96 -23.54 11.31
CA LEU B 275 3.73 -22.42 11.90
C LEU B 275 2.90 -21.67 12.91
N LEU B 276 1.66 -21.35 12.55
CA LEU B 276 0.79 -20.66 13.49
C LEU B 276 0.54 -21.48 14.76
N GLN B 277 0.41 -22.79 14.61
CA GLN B 277 0.23 -23.68 15.75
C GLN B 277 1.47 -23.68 16.64
N LYS B 278 2.66 -23.74 16.05
CA LYS B 278 3.90 -23.61 16.82
C LYS B 278 3.96 -22.25 17.54
N TYR B 279 3.55 -21.18 16.86
CA TYR B 279 3.54 -19.84 17.46
C TYR B 279 2.68 -19.81 18.74
N THR B 280 1.52 -20.47 18.71
CA THR B 280 0.62 -20.49 19.88
C THR B 280 1.27 -21.17 21.10
N ARG B 281 2.29 -22.00 20.85
CA ARG B 281 2.95 -22.73 21.92
CA ARG B 281 2.97 -22.75 21.90
C ARG B 281 4.26 -22.08 22.39
N LEU B 282 4.69 -21.03 21.72
CA LEU B 282 5.87 -20.29 22.14
C LEU B 282 5.48 -19.25 23.16
N GLU B 283 6.19 -19.20 24.27
CA GLU B 283 5.93 -18.20 25.30
C GLU B 283 6.65 -16.91 25.00
N LYS B 284 5.97 -15.80 25.28
CA LYS B 284 6.54 -14.47 25.10
C LYS B 284 6.95 -13.88 26.46
N GLN B 285 8.24 -13.56 26.59
CA GLN B 285 8.73 -12.90 27.80
C GLN B 285 8.04 -11.55 28.02
N GLY B 286 7.50 -11.36 29.22
CA GLY B 286 6.82 -10.13 29.57
C GLY B 286 5.39 -10.01 29.08
N ASP B 287 4.83 -11.10 28.57
CA ASP B 287 3.46 -11.12 28.07
C ASP B 287 2.52 -10.79 29.23
N THR B 288 1.73 -9.73 29.09
CA THR B 288 0.75 -9.36 30.11
C THR B 288 -0.57 -10.07 29.90
N GLY B 289 -0.71 -10.78 28.78
CA GLY B 289 -1.83 -11.69 28.57
C GLY B 289 -2.34 -11.73 27.14
N LEU B 290 -2.21 -10.64 26.41
CA LEU B 290 -2.84 -10.53 25.08
C LEU B 290 -1.87 -10.60 23.91
N TYR B 291 -0.64 -11.03 24.14
CA TYR B 291 0.34 -11.11 23.04
C TYR B 291 -0.17 -11.98 21.85
N HIS B 292 -0.56 -13.23 22.11
CA HIS B 292 -0.91 -14.11 20.99
C HIS B 292 -2.20 -13.70 20.28
N VAL B 293 -3.16 -13.14 21.03
CA VAL B 293 -4.38 -12.57 20.45
C VAL B 293 -3.98 -11.59 19.37
N ALA B 294 -3.20 -10.58 19.77
CA ALA B 294 -2.79 -9.50 18.89
C ALA B 294 -1.96 -10.02 17.73
N ARG B 295 -0.98 -10.87 18.03
CA ARG B 295 -0.01 -11.25 16.98
C ARG B 295 -0.48 -12.33 16.02
N ILE B 296 -1.32 -13.27 16.45
CA ILE B 296 -1.93 -14.24 15.52
C ILE B 296 -2.90 -13.51 14.57
N LYS B 297 -3.73 -12.60 15.10
CA LYS B 297 -4.60 -11.77 14.25
C LYS B 297 -3.75 -10.97 13.26
N GLN B 298 -2.69 -10.35 13.75
CA GLN B 298 -1.85 -9.52 12.88
C GLN B 298 -1.22 -10.34 11.75
N TRP B 299 -0.67 -11.50 12.08
CA TRP B 299 -0.04 -12.32 11.05
C TRP B 299 -1.08 -12.79 10.04
N LEU B 300 -2.26 -13.17 10.52
CA LEU B 300 -3.34 -13.53 9.59
C LEU B 300 -3.74 -12.35 8.69
N SER B 301 -3.69 -11.12 9.23
CA SER B 301 -4.03 -9.94 8.45
C SER B 301 -3.08 -9.73 7.27
N TYR B 302 -1.83 -10.17 7.42
CA TYR B 302 -0.86 -10.22 6.31
C TYR B 302 -1.09 -11.40 5.38
N LEU B 303 -1.22 -12.59 5.96
CA LEU B 303 -1.41 -13.83 5.19
C LEU B 303 -2.61 -13.80 4.24
N ARG B 304 -3.65 -13.07 4.60
CA ARG B 304 -4.83 -13.04 3.77
C ARG B 304 -4.60 -12.41 2.38
N LYS B 305 -3.52 -11.66 2.20
CA LYS B 305 -3.19 -11.11 0.88
C LYS B 305 -2.88 -12.24 -0.12
N GLU B 306 -2.28 -13.32 0.40
CA GLU B 306 -1.74 -14.40 -0.41
CA GLU B 306 -1.79 -14.39 -0.46
C GLU B 306 -2.61 -15.68 -0.39
N TYR B 307 -3.12 -16.00 0.79
CA TYR B 307 -3.86 -17.26 1.00
C TYR B 307 -5.35 -17.03 1.23
N ASP B 308 -6.17 -17.55 0.32
CA ASP B 308 -7.64 -17.55 0.50
C ASP B 308 -8.03 -18.07 1.86
N GLU B 309 -7.32 -19.12 2.30
CA GLU B 309 -7.64 -19.81 3.53
C GLU B 309 -7.43 -18.90 4.75
N ALA B 310 -6.48 -17.98 4.66
CA ALA B 310 -6.22 -17.02 5.75
C ALA B 310 -7.36 -16.01 5.90
N THR B 311 -7.96 -15.61 4.79
CA THR B 311 -9.12 -14.72 4.85
C THR B 311 -10.22 -15.40 5.64
N GLU B 312 -10.46 -16.67 5.35
CA GLU B 312 -11.48 -17.44 6.04
C GLU B 312 -11.15 -17.59 7.53
N LEU B 313 -9.91 -17.97 7.81
CA LEU B 313 -9.49 -18.19 9.20
C LEU B 313 -9.50 -16.89 10.02
N PHE B 314 -9.12 -15.78 9.41
CA PHE B 314 -9.18 -14.49 10.08
C PHE B 314 -10.62 -14.17 10.56
N GLN B 315 -11.61 -14.54 9.74
CA GLN B 315 -13.01 -14.29 10.12
C GLN B 315 -13.38 -15.06 11.37
N HIS B 316 -12.87 -16.29 11.49
CA HIS B 316 -13.16 -17.11 12.68
C HIS B 316 -12.47 -16.60 13.94
N VAL B 317 -11.22 -16.16 13.82
CA VAL B 317 -10.43 -15.83 15.03
C VAL B 317 -10.48 -14.37 15.46
N ARG B 318 -10.90 -13.47 14.57
CA ARG B 318 -10.90 -12.04 14.86
C ARG B 318 -11.85 -11.66 16.00
N VAL B 319 -12.91 -12.43 16.20
CA VAL B 319 -13.85 -12.20 17.31
C VAL B 319 -13.40 -12.75 18.66
N LEU B 320 -12.30 -13.52 18.68
CA LEU B 320 -11.78 -14.06 19.92
C LEU B 320 -10.93 -12.99 20.61
N ASN B 321 -11.10 -12.86 21.93
CA ASN B 321 -10.52 -11.74 22.68
C ASN B 321 -9.46 -12.13 23.71
N ASN B 322 -9.07 -13.40 23.73
CA ASN B 322 -8.07 -13.87 24.69
C ASN B 322 -7.19 -14.95 24.08
N SER B 323 -5.98 -15.07 24.62
CA SER B 323 -4.98 -15.95 24.00
C SER B 323 -5.33 -17.44 24.09
N PRO B 324 -5.86 -17.90 25.25
CA PRO B 324 -6.26 -19.30 25.30
C PRO B 324 -7.28 -19.70 24.21
N ASP B 325 -8.29 -18.86 24.00
CA ASP B 325 -9.30 -19.13 22.95
C ASP B 325 -8.69 -19.12 21.55
N ILE B 326 -7.82 -18.15 21.29
CA ILE B 326 -7.12 -18.09 19.99
C ILE B 326 -6.28 -19.35 19.79
N ALA B 327 -5.56 -19.75 20.84
CA ALA B 327 -4.70 -20.91 20.76
C ALA B 327 -5.52 -22.18 20.46
N ARG B 328 -6.63 -22.35 21.17
CA ARG B 328 -7.50 -23.49 20.92
C ARG B 328 -8.03 -23.51 19.48
N ALA B 329 -8.43 -22.35 18.95
CA ALA B 329 -8.97 -22.28 17.59
C ALA B 329 -7.91 -22.64 16.54
N ILE B 330 -6.68 -22.16 16.72
CA ILE B 330 -5.60 -22.44 15.79
C ILE B 330 -5.19 -23.92 15.90
N GLN B 331 -5.03 -24.39 17.14
CA GLN B 331 -4.63 -25.79 17.40
C GLN B 331 -5.69 -26.80 16.96
N ALA B 332 -6.95 -26.39 16.87
CA ALA B 332 -8.02 -27.31 16.44
C ALA B 332 -7.91 -27.74 14.97
N ILE B 333 -7.25 -26.94 14.16
CA ILE B 333 -7.17 -27.20 12.73
C ILE B 333 -6.34 -28.45 12.51
N ASP B 334 -6.92 -29.40 11.79
CA ASP B 334 -6.23 -30.63 11.45
C ASP B 334 -5.54 -30.44 10.12
N ILE B 335 -4.22 -30.24 10.15
CA ILE B 335 -3.51 -29.91 8.91
C ILE B 335 -3.51 -31.08 7.90
N GLU B 336 -3.77 -32.29 8.39
CA GLU B 336 -3.85 -33.49 7.53
C GLU B 336 -5.14 -33.52 6.70
N LYS B 337 -6.16 -32.80 7.15
CA LYS B 337 -7.45 -32.71 6.43
C LYS B 337 -7.51 -31.53 5.48
N LEU B 338 -6.53 -30.63 5.57
CA LEU B 338 -6.49 -29.47 4.69
C LEU B 338 -6.00 -29.84 3.31
N1 FMN C . -11.23 9.00 -4.14
C2 FMN C . -12.15 10.02 -4.39
O2 FMN C . -13.18 10.05 -3.74
N3 FMN C . -11.84 11.04 -5.33
C4 FMN C . -10.64 11.15 -6.03
O4 FMN C . -10.50 12.01 -6.88
C4A FMN C . -9.62 10.11 -5.73
N5 FMN C . -8.44 10.17 -6.34
C5A FMN C . -7.57 9.09 -6.11
C6 FMN C . -6.32 9.12 -6.80
C7 FMN C . -5.43 8.06 -6.67
C7M FMN C . -4.13 8.13 -7.40
C8 FMN C . -5.76 6.97 -5.83
C8M FMN C . -4.83 5.84 -5.60
C9 FMN C . -6.96 6.94 -5.16
C9A FMN C . -7.90 7.99 -5.27
N10 FMN C . -9.13 7.99 -4.60
C10 FMN C . -10.04 9.05 -4.79
C1' FMN C . -9.53 6.87 -3.72
C2' FMN C . -10.14 5.77 -4.63
O2' FMN C . -11.35 6.17 -5.19
C3' FMN C . -10.34 4.44 -3.81
O3' FMN C . -11.26 4.71 -2.76
C4' FMN C . -9.00 3.83 -3.30
O4' FMN C . -8.04 3.78 -4.29
C5' FMN C . -9.23 2.46 -2.64
O5' FMN C . -9.76 1.53 -3.55
P FMN C . -8.78 0.51 -4.27
O1P FMN C . -7.74 1.30 -5.00
O2P FMN C . -8.18 -0.40 -3.16
O3P FMN C . -9.73 -0.34 -5.11
C1 EDO D . -8.64 -9.27 1.77
O1 EDO D . -7.30 -8.82 1.70
C2 EDO D . -8.78 -10.66 2.35
O2 EDO D . -8.55 -11.60 1.30
C1 EDO E . -0.87 -0.29 -8.11
O1 EDO E . -0.30 -1.40 -8.81
C2 EDO E . -1.05 -0.60 -6.64
O2 EDO E . -0.87 0.62 -5.92
N NO3 F . -12.10 -8.22 6.72
O1 NO3 F . -11.77 -7.61 5.57
O2 NO3 F . -12.91 -7.70 7.45
O3 NO3 F . -11.52 -9.44 7.08
N1 FMN G . 12.32 -0.39 9.41
C2 FMN G . 13.37 -0.24 10.34
O2 FMN G . 14.46 0.17 9.98
N3 FMN G . 13.14 -0.57 11.67
C4 FMN G . 11.91 -1.00 12.18
O4 FMN G . 11.79 -1.34 13.35
C4A FMN G . 10.79 -1.09 11.21
N5 FMN G . 9.59 -1.47 11.64
C5A FMN G . 8.60 -1.70 10.65
C6 FMN G . 7.34 -2.17 11.08
C7 FMN G . 6.32 -2.45 10.15
C7M FMN G . 4.96 -2.92 10.65
C8 FMN G . 6.60 -2.27 8.77
C8M FMN G . 5.55 -2.52 7.76
C9 FMN G . 7.83 -1.82 8.34
C9A FMN G . 8.86 -1.51 9.27
N10 FMN G . 10.14 -1.05 8.89
C10 FMN G . 11.13 -0.80 9.83
C1' FMN G . 10.49 -0.92 7.45
C2' FMN G . 10.89 -2.30 6.91
O2' FMN G . 12.12 -2.73 7.47
C3' FMN G . 11.01 -2.26 5.36
O3' FMN G . 12.00 -1.32 5.00
C4' FMN G . 9.66 -1.97 4.66
O4' FMN G . 8.60 -2.76 5.20
C5' FMN G . 9.79 -2.12 3.10
O5' FMN G . 10.12 -3.45 2.76
P FMN G . 9.00 -4.45 2.17
O1P FMN G . 8.40 -3.85 0.92
O2P FMN G . 9.79 -5.78 1.91
O3P FMN G . 7.99 -4.61 3.34
C1 EDO H . 26.07 -13.37 6.59
O1 EDO H . 24.96 -12.49 6.77
C2 EDO H . 25.79 -14.32 5.44
O2 EDO H . 25.57 -13.53 4.28
C1 EDO I . 30.77 8.41 -2.66
O1 EDO I . 31.95 8.55 -3.43
C2 EDO I . 31.12 8.37 -1.19
O2 EDO I . 32.10 9.38 -0.91
N NO3 J . 12.21 0.30 -10.93
O1 NO3 J . 13.16 1.31 -10.85
O2 NO3 J . 11.80 -0.20 -9.94
O3 NO3 J . 11.73 -0.14 -12.18
#